data_5DLJ
#
_entry.id   5DLJ
#
_cell.length_a   69.894
_cell.length_b   193.652
_cell.length_c   193.920
_cell.angle_alpha   90.000
_cell.angle_beta   90.000
_cell.angle_gamma   90.000
#
_symmetry.space_group_name_H-M   'P 21 21 21'
#
loop_
_entity.id
_entity.type
_entity.pdbx_description
1 polymer 'CRISPR-associated endonuclease Cas1'
2 polymer '39-mer DNA N1-F'
3 polymer '39-mer DNA N1-R'
4 polymer 'CRISPR-associated endoribonuclease Cas2'
5 water water
#
loop_
_entity_poly.entity_id
_entity_poly.type
_entity_poly.pdbx_seq_one_letter_code
_entity_poly.pdbx_strand_id
1 'polypeptide(L)'
;TWLPLNPIPLKDRVSMIFLQYGQIDVIDGAFVLIDKTGIRTHIPVGSVACIMLEPGTRVSHAAVRLAAQVGTLLVWVGEA
GVRVYASGQPGGARSDKLLYQAKLALDEDLRLKVVRKMFELRFGEPAPARRSVEQLRGIEGSRVRATYALLAKQYGVTWN
GRRYDPKDWEKGDTINQCISAATSCLYGVTEAAILAAGYAPAIGFVHTGKPLSFVYDIADIIKFDTVVPKAFEIARRNPG
EPDREVRLACRDIFRSSKTLAKLIPLIEDVLAAGEIQPPA
;
D,C,A,B
2 'polydeoxyribonucleotide'
;(DT)(DT)(DT)(DT)(DT)(DT)(DC)(DG)(DT)(DA)(DG)(DC)(DT)(DG)(DA)(DG)(DG)(DG)(DC)(DC)
(DT)(DC)(DA)(DG)(DC)(DT)(DA)(DC)(DG)(DT)(DT)(DT)(DT)(DT)(DT)(DT)(DT)(DT)(DT)
;
G
3 'polydeoxyribonucleotide'
;(DT)(DT)(DT)(DT)(DT)(DT)(DC)(DG)(DT)(DA)(DG)(DC)(DT)(DG)(DA)(DG)(DG)(DC)(DC)(DC)
(DT)(DC)(DA)(DG)(DC)(DT)(DA)(DC)(DG)(DT)(DT)(DT)(DT)(DT)(DT)(DT)(DT)(DT)(DT)
;
H
4 'polypeptide(L)' MSMLVVVTENVPPRLRGRLAIWLLEVRAGVYVGDVSAKIREMIWEQIAGLAEEGNVVMAWATNTETGFEFQTFGLNRR F,E
#
loop_
_chem_comp.id
_chem_comp.type
_chem_comp.name
_chem_comp.formula
DA DNA linking 2'-DEOXYADENOSINE-5'-MONOPHOSPHATE 'C10 H14 N5 O6 P'
DC DNA linking 2'-DEOXYCYTIDINE-5'-MONOPHOSPHATE 'C9 H14 N3 O7 P'
DG DNA linking 2'-DEOXYGUANOSINE-5'-MONOPHOSPHATE 'C10 H14 N5 O7 P'
DT DNA linking THYMIDINE-5'-MONOPHOSPHATE 'C10 H15 N2 O8 P'
#
# COMPACT_ATOMS: atom_id res chain seq x y z
N VAL A 14 20.81 5.58 -50.37
CA VAL A 14 19.89 6.04 -49.35
C VAL A 14 20.05 7.50 -49.06
N SER A 15 19.15 8.33 -49.52
CA SER A 15 19.24 9.74 -49.27
C SER A 15 18.72 10.06 -47.89
N MET A 16 19.31 11.05 -47.25
CA MET A 16 18.89 11.43 -45.93
C MET A 16 19.14 12.86 -45.65
N ILE A 17 18.57 13.34 -44.58
CA ILE A 17 18.73 14.70 -44.21
C ILE A 17 18.83 14.83 -42.71
N PHE A 18 19.67 15.75 -42.25
CA PHE A 18 19.78 16.00 -40.82
C PHE A 18 18.99 17.24 -40.49
N LEU A 19 18.09 17.13 -39.52
CA LEU A 19 17.28 18.26 -39.10
C LEU A 19 17.59 18.57 -37.65
N GLN A 20 17.66 19.87 -37.36
CA GLN A 20 18.05 20.37 -36.07
C GLN A 20 17.29 21.64 -35.71
N TYR A 21 17.03 21.84 -34.42
CA TYR A 21 16.46 23.08 -33.89
C TYR A 21 15.17 23.50 -34.62
N GLY A 22 14.08 22.79 -34.40
CA GLY A 22 12.84 23.19 -35.05
C GLY A 22 11.78 22.12 -34.94
N GLN A 23 10.56 22.42 -35.37
CA GLN A 23 9.52 21.38 -35.36
C GLN A 23 9.33 20.78 -36.75
N ILE A 24 9.26 19.45 -36.81
CA ILE A 24 9.04 18.78 -38.08
C ILE A 24 7.54 18.58 -38.22
N ASP A 25 6.98 19.16 -39.28
CA ASP A 25 5.54 19.14 -39.49
C ASP A 25 5.23 18.83 -40.94
N VAL A 26 3.95 18.81 -41.29
CA VAL A 26 3.56 18.61 -42.68
C VAL A 26 2.75 19.75 -43.29
N ILE A 27 3.19 20.20 -44.46
CA ILE A 27 2.42 21.18 -45.23
C ILE A 27 2.23 20.68 -46.65
N ASP A 28 0.97 20.54 -47.06
CA ASP A 28 0.62 20.09 -48.40
C ASP A 28 1.32 18.80 -48.81
N GLY A 29 1.34 17.83 -47.91
CA GLY A 29 1.89 16.54 -48.23
C GLY A 29 3.41 16.55 -48.31
N ALA A 30 4.04 17.57 -47.72
CA ALA A 30 5.49 17.62 -47.65
C ALA A 30 6.01 17.80 -46.23
N PHE A 31 7.18 17.25 -45.95
CA PHE A 31 7.85 17.44 -44.66
C PHE A 31 8.39 18.85 -44.58
N VAL A 32 8.35 19.42 -43.40
CA VAL A 32 8.66 20.83 -43.22
C VAL A 32 9.33 21.05 -41.87
N LEU A 33 10.41 21.84 -41.83
CA LEU A 33 11.01 22.22 -40.55
C LEU A 33 10.63 23.65 -40.23
N ILE A 34 10.09 23.89 -39.04
CA ILE A 34 9.58 25.20 -38.64
C ILE A 34 10.27 25.84 -37.45
N ASP A 35 10.64 27.11 -37.66
CA ASP A 35 11.29 28.01 -36.72
C ASP A 35 10.32 29.06 -36.21
N LYS A 36 10.81 29.94 -35.35
CA LYS A 36 10.11 31.18 -35.04
C LYS A 36 10.11 32.03 -36.34
N THR A 37 11.01 31.71 -37.26
CA THR A 37 11.22 32.49 -38.48
C THR A 37 10.35 32.00 -39.62
N GLY A 38 9.56 30.97 -39.36
CA GLY A 38 8.69 30.40 -40.38
C GLY A 38 9.29 29.10 -40.86
N ILE A 39 9.06 28.76 -42.12
CA ILE A 39 9.61 27.54 -42.70
C ILE A 39 11.10 27.67 -42.95
N ARG A 40 11.88 26.80 -42.32
CA ARG A 40 13.33 26.81 -42.47
C ARG A 40 13.77 25.91 -43.63
N THR A 41 13.31 24.67 -43.60
CA THR A 41 13.63 23.68 -44.63
C THR A 41 12.38 23.00 -45.19
N HIS A 42 12.25 22.98 -46.52
CA HIS A 42 11.15 22.27 -47.16
C HIS A 42 11.65 20.94 -47.72
N ILE A 43 10.99 19.84 -47.33
CA ILE A 43 11.37 18.51 -47.79
C ILE A 43 10.26 17.78 -48.57
N PRO A 44 10.44 17.60 -49.88
CA PRO A 44 9.47 16.78 -50.63
C PRO A 44 9.54 15.32 -50.20
N VAL A 45 8.38 14.65 -50.17
CA VAL A 45 8.28 13.30 -49.65
C VAL A 45 9.15 12.30 -50.41
N GLY A 46 9.33 12.55 -51.69
CA GLY A 46 10.14 11.67 -52.51
C GLY A 46 11.64 11.81 -52.33
N SER A 47 12.11 12.86 -51.66
CA SER A 47 13.54 13.11 -51.69
C SER A 47 14.37 12.50 -50.57
N VAL A 48 13.73 12.07 -49.47
CA VAL A 48 14.50 11.38 -48.44
C VAL A 48 13.89 10.06 -48.00
N ALA A 49 14.76 9.06 -47.82
CA ALA A 49 14.37 7.77 -47.29
C ALA A 49 14.46 7.77 -45.76
N CYS A 50 15.31 8.65 -45.24
CA CYS A 50 15.65 8.64 -43.82
C CYS A 50 15.82 10.06 -43.31
N ILE A 51 15.15 10.37 -42.21
CA ILE A 51 15.33 11.66 -41.57
C ILE A 51 16.03 11.50 -40.23
N MET A 52 17.19 12.14 -40.07
CA MET A 52 17.93 12.08 -38.82
C MET A 52 17.61 13.30 -37.98
N LEU A 53 17.00 13.06 -36.82
CA LEU A 53 16.56 14.14 -35.95
C LEU A 53 17.60 14.42 -34.88
N GLU A 54 18.22 15.60 -34.97
CA GLU A 54 19.26 16.02 -34.04
C GLU A 54 18.64 16.68 -32.81
N PRO A 55 19.42 16.95 -31.75
CA PRO A 55 18.88 17.61 -30.57
C PRO A 55 18.18 18.93 -30.87
N GLY A 56 17.12 19.24 -30.11
CA GLY A 56 16.41 20.50 -30.27
C GLY A 56 15.24 20.40 -31.23
N THR A 57 14.99 19.19 -31.71
CA THR A 57 13.88 18.93 -32.64
C THR A 57 12.62 18.45 -31.95
N ARG A 58 11.49 18.67 -32.61
CA ARG A 58 10.19 18.25 -32.12
C ARG A 58 9.36 17.68 -33.27
N VAL A 59 8.82 16.47 -33.13
CA VAL A 59 8.09 15.83 -34.23
C VAL A 59 6.58 15.88 -34.04
N SER A 60 5.86 16.37 -35.03
CA SER A 60 4.41 16.41 -34.97
C SER A 60 3.85 15.04 -35.30
N HIS A 61 2.66 14.77 -34.80
CA HIS A 61 1.96 13.53 -35.14
C HIS A 61 1.77 13.38 -36.66
N ALA A 62 1.40 14.48 -37.32
CA ALA A 62 1.20 14.46 -38.76
C ALA A 62 2.46 14.04 -39.51
N ALA A 63 3.62 14.45 -39.01
CA ALA A 63 4.88 14.13 -39.68
C ALA A 63 5.15 12.63 -39.60
N VAL A 64 4.87 12.05 -38.44
CA VAL A 64 5.05 10.62 -38.23
C VAL A 64 4.06 9.83 -39.09
N ARG A 65 2.85 10.34 -39.16
CA ARG A 65 1.78 9.75 -39.96
C ARG A 65 2.23 9.69 -41.46
N LEU A 66 2.79 10.81 -41.93
CA LEU A 66 3.25 10.89 -43.32
C LEU A 66 4.42 9.94 -43.57
N ALA A 67 5.37 9.95 -42.63
CA ALA A 67 6.53 9.07 -42.71
C ALA A 67 6.09 7.62 -42.80
N ALA A 68 5.06 7.29 -42.04
CA ALA A 68 4.52 5.94 -42.06
C ALA A 68 3.94 5.64 -43.44
N GLN A 69 3.26 6.63 -44.04
CA GLN A 69 2.66 6.40 -45.34
C GLN A 69 3.69 6.11 -46.42
N VAL A 70 4.79 6.85 -46.40
CA VAL A 70 5.79 6.73 -47.46
C VAL A 70 6.94 5.78 -47.11
N GLY A 71 6.98 5.30 -45.87
CA GLY A 71 8.02 4.35 -45.47
C GLY A 71 9.34 5.01 -45.10
N THR A 72 9.27 6.24 -44.59
CA THR A 72 10.47 6.98 -44.20
C THR A 72 10.93 6.64 -42.79
N LEU A 73 12.21 6.31 -42.65
CA LEU A 73 12.78 5.98 -41.35
C LEU A 73 13.11 7.23 -40.57
N LEU A 74 12.60 7.32 -39.35
CA LEU A 74 12.99 8.39 -38.43
C LEU A 74 14.03 7.87 -37.46
N VAL A 75 15.17 8.53 -37.35
CA VAL A 75 16.18 8.16 -36.36
C VAL A 75 16.51 9.35 -35.46
N TRP A 76 16.41 9.17 -34.15
CA TRP A 76 16.78 10.22 -33.20
C TRP A 76 18.24 10.02 -32.76
N VAL A 77 19.07 10.96 -33.18
CA VAL A 77 20.52 10.94 -33.01
C VAL A 77 21.05 12.17 -32.28
N GLY A 78 22.33 12.15 -31.89
CA GLY A 78 22.90 13.37 -31.36
C GLY A 78 23.42 14.17 -32.55
N GLU A 79 24.23 15.21 -32.31
CA GLU A 79 24.72 15.99 -33.45
C GLU A 79 25.52 15.16 -34.44
N ALA A 80 25.22 15.31 -35.73
CA ALA A 80 25.91 14.56 -36.78
C ALA A 80 25.90 13.05 -36.53
N GLY A 81 24.96 12.57 -35.72
CA GLY A 81 24.89 11.16 -35.42
C GLY A 81 25.99 10.62 -34.51
N VAL A 82 26.53 11.44 -33.62
CA VAL A 82 27.57 10.97 -32.71
C VAL A 82 26.99 10.04 -31.64
N ARG A 83 25.66 9.97 -31.59
CA ARG A 83 24.93 9.09 -30.69
C ARG A 83 23.66 8.64 -31.39
N VAL A 84 23.19 7.43 -31.11
CA VAL A 84 21.91 7.02 -31.65
C VAL A 84 21.00 6.79 -30.44
N TYR A 85 19.91 7.55 -30.35
CA TYR A 85 19.07 7.45 -29.16
C TYR A 85 17.85 6.59 -29.40
N ALA A 86 17.16 6.82 -30.52
CA ALA A 86 15.97 6.03 -30.78
C ALA A 86 15.76 5.86 -32.27
N SER A 87 14.91 4.91 -32.65
CA SER A 87 14.67 4.62 -34.06
C SER A 87 13.24 4.19 -34.34
N GLY A 88 12.66 4.67 -35.43
CA GLY A 88 11.37 4.15 -35.84
C GLY A 88 11.60 2.74 -36.36
N GLN A 89 10.53 2.04 -36.70
CA GLN A 89 10.62 0.66 -37.18
C GLN A 89 11.63 -0.12 -36.33
N PRO A 90 11.47 -0.09 -34.99
CA PRO A 90 12.52 -0.67 -34.16
C PRO A 90 12.61 -2.15 -34.35
N GLY A 91 13.82 -2.68 -34.26
CA GLY A 91 14.01 -4.10 -34.50
C GLY A 91 14.07 -4.36 -35.99
N GLY A 92 14.12 -3.27 -36.77
CA GLY A 92 14.28 -3.36 -38.22
C GLY A 92 13.03 -3.48 -39.07
N ALA A 93 12.98 -2.67 -40.12
CA ALA A 93 11.82 -2.64 -41.01
C ALA A 93 11.68 -3.88 -41.89
N ARG A 94 12.77 -4.31 -42.51
CA ARG A 94 12.69 -5.37 -43.51
C ARG A 94 13.24 -6.75 -43.15
N SER A 95 12.40 -7.76 -43.31
CA SER A 95 12.73 -9.15 -43.00
C SER A 95 13.89 -9.65 -43.84
N ASP A 96 13.85 -9.32 -45.14
CA ASP A 96 14.84 -9.86 -46.07
C ASP A 96 16.25 -9.39 -45.74
N LYS A 97 16.39 -8.13 -45.33
CA LYS A 97 17.70 -7.61 -44.96
C LYS A 97 18.24 -8.33 -43.73
N LEU A 98 17.41 -8.45 -42.69
CA LEU A 98 17.80 -9.13 -41.46
C LEU A 98 18.16 -10.60 -41.71
N LEU A 99 17.35 -11.28 -42.50
CA LEU A 99 17.55 -12.69 -42.77
C LEU A 99 18.77 -12.93 -43.66
N TYR A 100 19.06 -11.96 -44.52
CA TYR A 100 20.25 -11.97 -45.36
C TYR A 100 21.49 -11.89 -44.48
N GLN A 101 21.51 -10.86 -43.63
CA GLN A 101 22.60 -10.64 -42.69
C GLN A 101 22.78 -11.84 -41.76
N ALA A 102 21.66 -12.34 -41.25
CA ALA A 102 21.66 -13.48 -40.35
C ALA A 102 22.22 -14.70 -41.04
N LYS A 103 21.79 -14.93 -42.27
CA LYS A 103 22.22 -16.09 -43.03
C LYS A 103 23.74 -16.02 -43.21
N LEU A 104 24.24 -14.82 -43.51
CA LEU A 104 25.67 -14.63 -43.70
C LEU A 104 26.44 -14.89 -42.41
N ALA A 105 25.87 -14.49 -41.28
CA ALA A 105 26.55 -14.64 -39.99
C ALA A 105 26.51 -16.07 -39.46
N LEU A 106 25.44 -16.81 -39.78
CA LEU A 106 25.23 -18.16 -39.24
C LEU A 106 26.04 -19.24 -39.94
N ASP A 107 26.43 -18.98 -41.19
CA ASP A 107 27.18 -19.96 -41.97
C ASP A 107 28.66 -19.64 -41.91
N GLU A 108 29.45 -20.55 -41.37
CA GLU A 108 30.87 -20.29 -41.10
C GLU A 108 31.68 -19.97 -42.35
N ASP A 109 31.27 -20.54 -43.48
CA ASP A 109 31.98 -20.28 -44.73
C ASP A 109 31.70 -18.86 -45.21
N LEU A 110 30.44 -18.48 -45.13
CA LEU A 110 30.01 -17.16 -45.54
C LEU A 110 30.59 -16.11 -44.59
N ARG A 111 30.53 -16.44 -43.30
CA ARG A 111 31.06 -15.57 -42.27
C ARG A 111 32.52 -15.32 -42.53
N LEU A 112 33.24 -16.37 -42.88
CA LEU A 112 34.66 -16.22 -43.19
C LEU A 112 34.85 -15.28 -44.37
N LYS A 113 34.04 -15.44 -45.43
CA LYS A 113 34.17 -14.53 -46.58
C LYS A 113 33.96 -13.07 -46.20
N VAL A 114 32.92 -12.82 -45.41
CA VAL A 114 32.60 -11.46 -44.98
C VAL A 114 33.74 -10.88 -44.12
N VAL A 115 34.26 -11.67 -43.20
CA VAL A 115 35.37 -11.25 -42.36
C VAL A 115 36.61 -10.91 -43.19
N ARG A 116 36.87 -11.73 -44.20
CA ARG A 116 38.00 -11.47 -45.09
C ARG A 116 37.82 -10.15 -45.82
N LYS A 117 36.60 -9.87 -46.25
CA LYS A 117 36.32 -8.60 -46.93
C LYS A 117 36.56 -7.42 -45.99
N MET A 118 36.11 -7.57 -44.75
CA MET A 118 36.32 -6.54 -43.74
C MET A 118 37.81 -6.27 -43.51
N PHE A 119 38.59 -7.35 -43.42
CA PHE A 119 40.02 -7.23 -43.27
C PHE A 119 40.60 -6.43 -44.43
N GLU A 120 40.22 -6.80 -45.65
CA GLU A 120 40.71 -6.13 -46.85
C GLU A 120 40.40 -4.64 -46.88
N LEU A 121 39.17 -4.28 -46.53
CA LEU A 121 38.77 -2.88 -46.54
C LEU A 121 39.51 -2.09 -45.47
N ARG A 122 39.75 -2.73 -44.34
CA ARG A 122 40.37 -2.05 -43.21
C ARG A 122 41.86 -1.82 -43.39
N PHE A 123 42.58 -2.79 -43.94
CA PHE A 123 44.04 -2.70 -44.00
C PHE A 123 44.58 -2.54 -45.42
N GLY A 124 43.71 -2.60 -46.42
CA GLY A 124 44.13 -2.36 -47.79
C GLY A 124 44.93 -3.47 -48.46
N GLU A 125 44.96 -4.64 -47.84
CA GLU A 125 45.66 -5.79 -48.40
C GLU A 125 44.88 -7.08 -48.10
N PRO A 126 45.08 -8.14 -48.91
CA PRO A 126 44.28 -9.35 -48.71
C PRO A 126 44.52 -10.03 -47.37
N ALA A 127 43.47 -10.61 -46.80
CA ALA A 127 43.65 -11.38 -45.59
C ALA A 127 44.36 -12.67 -45.97
N PRO A 128 45.25 -13.12 -45.11
CA PRO A 128 45.97 -14.36 -45.28
C PRO A 128 44.99 -15.49 -45.36
N ALA A 129 45.13 -16.35 -46.35
CA ALA A 129 44.22 -17.42 -46.58
C ALA A 129 44.16 -18.62 -45.69
N ARG A 130 45.19 -18.93 -44.96
CA ARG A 130 45.16 -20.14 -44.15
C ARG A 130 44.59 -19.98 -42.79
N ARG A 131 44.14 -18.77 -42.49
CA ARG A 131 43.61 -18.50 -41.20
C ARG A 131 42.12 -18.39 -41.09
N SER A 132 41.59 -18.93 -40.01
CA SER A 132 40.18 -18.77 -39.67
C SER A 132 39.91 -17.40 -39.09
N VAL A 133 38.64 -17.09 -38.82
CA VAL A 133 38.26 -15.79 -38.27
C VAL A 133 38.94 -15.51 -36.92
N GLU A 134 38.90 -16.52 -36.06
CA GLU A 134 39.44 -16.43 -34.72
C GLU A 134 40.94 -16.24 -34.82
N GLN A 135 41.55 -16.85 -35.82
CA GLN A 135 42.97 -16.70 -36.09
C GLN A 135 43.32 -15.35 -36.76
N LEU A 136 42.39 -14.78 -37.54
CA LEU A 136 42.61 -13.49 -38.21
C LEU A 136 42.73 -12.41 -37.17
N ARG A 137 42.05 -12.69 -36.08
CA ARG A 137 41.98 -11.80 -34.94
C ARG A 137 43.28 -11.27 -34.38
N GLY A 138 44.22 -12.19 -34.16
CA GLY A 138 45.50 -11.87 -33.55
C GLY A 138 46.26 -10.91 -34.43
N ILE A 139 46.12 -11.14 -35.73
CA ILE A 139 46.73 -10.29 -36.74
C ILE A 139 46.14 -8.88 -36.67
N GLU A 140 44.82 -8.79 -36.58
CA GLU A 140 44.20 -7.47 -36.45
C GLU A 140 44.72 -6.76 -35.21
N GLY A 141 44.79 -7.48 -34.10
CA GLY A 141 45.26 -6.90 -32.85
C GLY A 141 46.68 -6.39 -32.95
N SER A 142 47.53 -7.15 -33.65
CA SER A 142 48.91 -6.78 -33.85
C SER A 142 49.01 -5.49 -34.64
N ARG A 143 48.27 -5.41 -35.74
CA ARG A 143 48.28 -4.20 -36.54
C ARG A 143 47.72 -2.99 -35.82
N VAL A 144 46.71 -3.20 -34.98
CA VAL A 144 46.14 -2.11 -34.19
C VAL A 144 47.17 -1.59 -33.17
N ARG A 145 47.87 -2.51 -32.51
CA ARG A 145 48.95 -2.10 -31.62
C ARG A 145 49.99 -1.26 -32.38
N ALA A 146 50.38 -1.73 -33.57
CA ALA A 146 51.37 -1.02 -34.37
C ALA A 146 50.90 0.38 -34.78
N THR A 147 49.62 0.48 -35.14
CA THR A 147 49.06 1.75 -35.59
C THR A 147 48.98 2.75 -34.45
N TYR A 148 48.55 2.30 -33.28
CA TYR A 148 48.54 3.16 -32.10
C TYR A 148 49.94 3.67 -31.81
N ALA A 149 50.92 2.77 -31.90
CA ALA A 149 52.30 3.18 -31.64
C ALA A 149 52.77 4.25 -32.63
N LEU A 150 52.50 4.03 -33.92
CA LEU A 150 52.95 4.96 -34.95
C LEU A 150 52.30 6.31 -34.75
N LEU A 151 51.00 6.33 -34.49
CA LEU A 151 50.30 7.58 -34.24
C LEU A 151 50.88 8.30 -33.03
N ALA A 152 51.21 7.54 -31.99
CA ALA A 152 51.78 8.13 -30.78
C ALA A 152 53.10 8.82 -31.08
N LYS A 153 53.94 8.17 -31.87
CA LYS A 153 55.24 8.75 -32.22
C LYS A 153 55.05 9.94 -33.16
N GLN A 154 54.06 9.85 -34.03
CA GLN A 154 53.76 10.91 -34.99
C GLN A 154 53.29 12.21 -34.34
N TYR A 155 52.38 12.09 -33.38
CA TYR A 155 51.84 13.25 -32.70
C TYR A 155 52.61 13.58 -31.42
N GLY A 156 53.64 12.78 -31.15
CA GLY A 156 54.46 13.01 -29.97
C GLY A 156 53.71 12.93 -28.66
N VAL A 157 52.97 11.84 -28.47
CA VAL A 157 52.20 11.63 -27.25
C VAL A 157 52.75 10.43 -26.49
N THR A 158 52.93 10.57 -25.17
CA THR A 158 53.40 9.45 -24.38
C THR A 158 52.37 8.32 -24.38
N TRP A 159 52.79 7.19 -24.94
CA TRP A 159 51.95 6.03 -25.13
C TRP A 159 52.60 4.74 -24.65
N ASN A 160 52.00 4.07 -23.68
CA ASN A 160 52.50 2.77 -23.25
C ASN A 160 51.49 1.67 -23.53
N GLY A 161 50.53 1.98 -24.39
CA GLY A 161 49.54 1.01 -24.80
C GLY A 161 48.15 1.49 -24.43
N ARG A 162 47.15 0.77 -24.92
CA ARG A 162 45.74 1.07 -24.68
C ARG A 162 45.25 0.59 -23.33
N ARG A 163 44.92 1.52 -22.43
CA ARG A 163 44.38 1.12 -21.14
C ARG A 163 43.15 1.93 -20.78
N TYR A 164 42.09 1.20 -20.44
CA TYR A 164 40.82 1.79 -20.04
C TYR A 164 40.12 0.90 -19.02
N ASP A 165 39.33 1.51 -18.16
CA ASP A 165 38.51 0.77 -17.22
C ASP A 165 37.05 0.95 -17.63
N PRO A 166 36.41 -0.13 -18.12
CA PRO A 166 35.02 -0.05 -18.59
C PRO A 166 34.05 0.49 -17.54
N LYS A 167 34.41 0.36 -16.27
CA LYS A 167 33.55 0.79 -15.16
C LYS A 167 33.97 2.14 -14.56
N ASP A 168 35.12 2.67 -14.99
CA ASP A 168 35.55 3.97 -14.48
C ASP A 168 36.34 4.75 -15.52
N TRP A 169 35.77 5.90 -15.89
CA TRP A 169 36.27 6.75 -16.96
C TRP A 169 37.48 7.60 -16.56
N GLU A 170 37.56 7.94 -15.28
CA GLU A 170 38.60 8.85 -14.80
C GLU A 170 39.97 8.20 -14.51
N LYS A 171 40.04 6.88 -14.52
CA LYS A 171 41.30 6.22 -14.17
C LYS A 171 42.29 6.23 -15.33
N GLY A 172 41.80 6.41 -16.54
CA GLY A 172 42.67 6.48 -17.69
C GLY A 172 43.35 7.83 -17.86
N ASP A 173 44.47 7.82 -18.58
CA ASP A 173 45.18 9.06 -18.95
C ASP A 173 44.43 9.78 -20.07
N THR A 174 44.88 10.98 -20.41
CA THR A 174 44.17 11.82 -21.38
C THR A 174 44.04 11.19 -22.77
N ILE A 175 45.09 10.55 -23.25
CA ILE A 175 45.04 9.97 -24.59
C ILE A 175 44.01 8.83 -24.69
N ASN A 176 43.95 7.95 -23.69
CA ASN A 176 42.99 6.85 -23.72
C ASN A 176 41.56 7.32 -23.52
N GLN A 177 41.42 8.38 -22.73
CA GLN A 177 40.14 9.05 -22.52
C GLN A 177 39.64 9.60 -23.87
N CYS A 178 40.54 10.27 -24.58
CA CYS A 178 40.23 10.82 -25.89
C CYS A 178 39.86 9.73 -26.91
N ILE A 179 40.66 8.67 -26.95
CA ILE A 179 40.38 7.56 -27.85
C ILE A 179 38.99 7.00 -27.58
N SER A 180 38.66 6.82 -26.30
CA SER A 180 37.35 6.33 -25.93
C SER A 180 36.23 7.26 -26.39
N ALA A 181 36.40 8.57 -26.19
CA ALA A 181 35.37 9.52 -26.62
C ALA A 181 35.15 9.45 -28.14
N ALA A 182 36.27 9.33 -28.84
CA ALA A 182 36.27 9.30 -30.28
C ALA A 182 35.53 8.07 -30.82
N THR A 183 35.93 6.90 -30.33
CA THR A 183 35.26 5.67 -30.75
C THR A 183 33.78 5.69 -30.40
N SER A 184 33.44 6.28 -29.25
CA SER A 184 32.05 6.41 -28.87
C SER A 184 31.25 7.13 -29.99
N CYS A 185 31.79 8.25 -30.46
CA CYS A 185 31.16 8.98 -31.55
C CYS A 185 31.06 8.13 -32.83
N LEU A 186 32.15 7.44 -33.13
CA LEU A 186 32.20 6.59 -34.31
C LEU A 186 31.09 5.53 -34.27
N TYR A 187 30.88 4.95 -33.09
CA TYR A 187 29.82 3.95 -32.87
C TYR A 187 28.47 4.59 -33.12
N GLY A 188 28.39 5.89 -32.81
CA GLY A 188 27.17 6.61 -33.13
C GLY A 188 26.89 6.61 -34.63
N VAL A 189 27.80 7.18 -35.43
CA VAL A 189 27.51 7.23 -36.87
C VAL A 189 27.39 5.87 -37.53
N THR A 190 28.16 4.90 -37.06
CA THR A 190 28.09 3.58 -37.62
C THR A 190 26.74 2.97 -37.35
N GLU A 191 26.26 3.09 -36.11
CA GLU A 191 24.95 2.54 -35.81
C GLU A 191 23.88 3.22 -36.65
N ALA A 192 23.95 4.54 -36.79
CA ALA A 192 23.00 5.27 -37.64
C ALA A 192 23.04 4.74 -39.07
N ALA A 193 24.24 4.51 -39.59
CA ALA A 193 24.40 4.02 -40.96
C ALA A 193 23.76 2.65 -41.12
N ILE A 194 24.09 1.74 -40.21
CA ILE A 194 23.53 0.40 -40.18
C ILE A 194 22.01 0.43 -40.14
N LEU A 195 21.43 1.30 -39.32
CA LEU A 195 19.97 1.45 -39.27
C LEU A 195 19.40 1.97 -40.59
N ALA A 196 20.05 2.97 -41.17
CA ALA A 196 19.59 3.53 -42.45
C ALA A 196 19.66 2.48 -43.56
N ALA A 197 20.66 1.61 -43.49
CA ALA A 197 20.85 0.55 -44.48
C ALA A 197 19.87 -0.60 -44.29
N GLY A 198 19.21 -0.63 -43.13
CA GLY A 198 18.22 -1.66 -42.84
C GLY A 198 18.76 -2.92 -42.18
N TYR A 199 19.93 -2.84 -41.57
CA TYR A 199 20.50 -4.02 -40.95
C TYR A 199 20.47 -3.95 -39.43
N ALA A 200 20.79 -5.07 -38.79
CA ALA A 200 20.72 -5.19 -37.35
C ALA A 200 22.08 -4.97 -36.71
N PRO A 201 22.17 -4.01 -35.79
CA PRO A 201 23.43 -3.72 -35.10
C PRO A 201 23.97 -4.91 -34.31
N ALA A 202 23.11 -5.84 -33.93
CA ALA A 202 23.51 -6.93 -33.05
C ALA A 202 24.13 -8.14 -33.75
N ILE A 203 23.96 -8.25 -35.06
CA ILE A 203 24.46 -9.44 -35.75
C ILE A 203 25.82 -9.16 -36.38
N GLY A 204 26.87 -9.63 -35.71
CA GLY A 204 28.22 -9.30 -36.15
C GLY A 204 28.96 -10.50 -36.71
N PHE A 205 30.21 -10.27 -37.11
CA PHE A 205 30.99 -11.28 -37.80
C PHE A 205 32.34 -11.47 -37.12
N VAL A 206 33.07 -10.39 -36.92
CA VAL A 206 34.27 -10.45 -36.11
C VAL A 206 33.85 -10.39 -34.65
N HIS A 207 33.13 -9.34 -34.28
CA HIS A 207 32.55 -9.23 -32.95
C HIS A 207 31.22 -9.94 -32.91
N THR A 208 31.00 -10.77 -31.89
CA THR A 208 29.73 -11.47 -31.77
C THR A 208 29.21 -11.43 -30.35
N GLY A 209 27.91 -11.61 -30.19
CA GLY A 209 27.32 -11.77 -28.87
C GLY A 209 26.87 -10.52 -28.15
N LYS A 210 27.34 -9.36 -28.61
CA LYS A 210 26.98 -8.09 -28.00
C LYS A 210 25.87 -7.42 -28.80
N PRO A 211 25.09 -6.54 -28.16
CA PRO A 211 24.00 -5.83 -28.83
C PRO A 211 24.42 -4.93 -29.99
N LEU A 212 25.69 -4.57 -30.06
CA LEU A 212 26.17 -3.68 -31.13
C LEU A 212 27.32 -4.31 -31.91
N SER A 213 27.38 -5.64 -31.91
CA SER A 213 28.48 -6.38 -32.54
C SER A 213 28.81 -5.91 -33.95
N PHE A 214 27.80 -5.78 -34.80
CA PHE A 214 28.02 -5.35 -36.18
C PHE A 214 28.55 -3.91 -36.23
N VAL A 215 28.07 -3.08 -35.31
CA VAL A 215 28.57 -1.71 -35.25
C VAL A 215 30.07 -1.70 -35.01
N TYR A 216 30.53 -2.51 -34.07
CA TYR A 216 31.95 -2.65 -33.80
C TYR A 216 32.69 -3.13 -35.05
N ASP A 217 32.14 -4.15 -35.71
CA ASP A 217 32.72 -4.67 -36.93
C ASP A 217 32.97 -3.55 -37.95
N ILE A 218 31.92 -2.82 -38.30
CA ILE A 218 32.02 -1.78 -39.32
C ILE A 218 32.90 -0.62 -38.88
N ALA A 219 32.71 -0.12 -37.66
CA ALA A 219 33.50 1.00 -37.16
C ALA A 219 34.99 0.69 -37.20
N ASP A 220 35.38 -0.53 -36.88
CA ASP A 220 36.80 -0.88 -36.91
C ASP A 220 37.44 -0.67 -38.28
N ILE A 221 36.64 -0.78 -39.34
CA ILE A 221 37.15 -0.63 -40.70
C ILE A 221 37.65 0.79 -41.00
N ILE A 222 36.98 1.80 -40.46
CA ILE A 222 37.34 3.19 -40.77
C ILE A 222 37.89 3.95 -39.56
N LYS A 223 38.00 3.26 -38.44
CA LYS A 223 38.36 3.89 -37.17
C LYS A 223 39.69 4.64 -37.19
N PHE A 224 40.68 4.14 -37.91
CA PHE A 224 42.00 4.77 -37.88
C PHE A 224 42.27 5.79 -38.99
N ASP A 225 41.31 5.98 -39.90
CA ASP A 225 41.49 6.95 -40.97
C ASP A 225 41.37 8.38 -40.48
N THR A 226 40.34 8.59 -39.67
CA THR A 226 39.87 9.91 -39.29
C THR A 226 40.01 10.15 -37.80
N VAL A 227 39.16 9.43 -37.08
CA VAL A 227 38.75 9.71 -35.72
C VAL A 227 39.86 9.52 -34.67
N VAL A 228 40.54 8.38 -34.69
CA VAL A 228 41.59 8.13 -33.71
C VAL A 228 42.73 9.14 -33.87
N PRO A 229 43.15 9.42 -35.12
CA PRO A 229 44.17 10.49 -35.25
C PRO A 229 43.75 11.80 -34.59
N LYS A 230 42.47 12.18 -34.68
CA LYS A 230 42.06 13.43 -34.04
C LYS A 230 42.06 13.27 -32.53
N ALA A 231 41.80 12.07 -32.05
CA ALA A 231 41.92 11.81 -30.62
C ALA A 231 43.35 12.11 -30.18
N PHE A 232 44.33 11.69 -30.99
CA PHE A 232 45.73 11.96 -30.67
C PHE A 232 46.10 13.43 -30.78
N GLU A 233 45.57 14.11 -31.79
CA GLU A 233 45.90 15.51 -32.00
C GLU A 233 45.40 16.36 -30.82
N ILE A 234 44.17 16.07 -30.41
CA ILE A 234 43.58 16.79 -29.28
C ILE A 234 44.28 16.43 -27.98
N ALA A 235 44.62 15.15 -27.81
CA ALA A 235 45.34 14.74 -26.62
C ALA A 235 46.68 15.49 -26.53
N ARG A 236 47.35 15.63 -27.66
CA ARG A 236 48.58 16.40 -27.71
C ARG A 236 48.35 17.85 -27.32
N ARG A 237 47.20 18.40 -27.75
CA ARG A 237 46.92 19.80 -27.46
C ARG A 237 46.60 20.00 -25.97
N ASN A 238 46.25 18.91 -25.30
CA ASN A 238 45.92 18.91 -23.87
C ASN A 238 45.00 20.05 -23.42
N PRO A 239 43.75 20.06 -23.92
CA PRO A 239 42.78 21.11 -23.60
C PRO A 239 42.10 20.85 -22.26
N GLY A 240 41.28 21.80 -21.81
CA GLY A 240 40.55 21.66 -20.56
C GLY A 240 39.59 20.48 -20.52
N GLU A 241 38.67 20.41 -21.48
CA GLU A 241 37.74 19.28 -21.56
C GLU A 241 38.06 18.46 -22.79
N PRO A 242 39.02 17.53 -22.69
CA PRO A 242 39.46 16.84 -23.90
C PRO A 242 38.42 15.93 -24.55
N ASP A 243 37.59 15.28 -23.73
CA ASP A 243 36.55 14.38 -24.25
C ASP A 243 35.51 15.18 -25.06
N ARG A 244 35.14 16.34 -24.54
CA ARG A 244 34.14 17.18 -25.18
C ARG A 244 34.68 17.79 -26.49
N GLU A 245 35.96 18.07 -26.50
CA GLU A 245 36.62 18.59 -27.69
C GLU A 245 36.69 17.51 -28.75
N VAL A 246 36.91 16.28 -28.30
CA VAL A 246 36.96 15.15 -29.23
C VAL A 246 35.59 14.91 -29.84
N ARG A 247 34.54 14.90 -29.02
CA ARG A 247 33.20 14.72 -29.54
C ARG A 247 32.85 15.78 -30.58
N LEU A 248 33.11 17.05 -30.26
CA LEU A 248 32.83 18.12 -31.20
C LEU A 248 33.62 17.94 -32.51
N ALA A 249 34.89 17.58 -32.39
CA ALA A 249 35.74 17.38 -33.55
C ALA A 249 35.22 16.25 -34.44
N CYS A 250 34.77 15.16 -33.82
CA CYS A 250 34.22 14.03 -34.55
C CYS A 250 32.93 14.45 -35.25
N ARG A 251 32.13 15.26 -34.58
CA ARG A 251 30.93 15.82 -35.19
C ARG A 251 31.29 16.56 -36.47
N ASP A 252 32.26 17.47 -36.37
CA ASP A 252 32.67 18.26 -37.52
C ASP A 252 33.23 17.40 -38.66
N ILE A 253 33.98 16.37 -38.29
CA ILE A 253 34.50 15.42 -39.28
C ILE A 253 33.35 14.73 -40.01
N PHE A 254 32.40 14.21 -39.23
CA PHE A 254 31.29 13.47 -39.82
C PHE A 254 30.53 14.35 -40.79
N ARG A 255 30.36 15.62 -40.44
CA ARG A 255 29.64 16.53 -41.32
C ARG A 255 30.43 16.86 -42.60
N SER A 256 31.65 17.33 -42.46
CA SER A 256 32.43 17.77 -43.63
C SER A 256 32.87 16.65 -44.57
N SER A 257 33.14 15.47 -44.03
CA SER A 257 33.63 14.35 -44.83
C SER A 257 32.53 13.35 -45.23
N LYS A 258 31.30 13.59 -44.76
CA LYS A 258 30.14 12.75 -45.09
C LYS A 258 30.30 11.27 -44.71
N THR A 259 30.76 11.02 -43.49
CA THR A 259 31.04 9.66 -43.04
C THR A 259 29.86 8.70 -43.12
N LEU A 260 28.69 9.15 -42.66
CA LEU A 260 27.51 8.32 -42.68
C LEU A 260 27.10 7.90 -44.09
N ALA A 261 27.16 8.83 -45.04
CA ALA A 261 26.75 8.51 -46.40
C ALA A 261 27.73 7.53 -47.06
N LYS A 262 28.98 7.55 -46.62
CA LYS A 262 29.99 6.69 -47.21
C LYS A 262 29.94 5.31 -46.55
N LEU A 263 29.41 5.26 -45.34
CA LEU A 263 29.38 3.99 -44.59
C LEU A 263 28.40 2.99 -45.21
N ILE A 264 27.27 3.49 -45.70
CA ILE A 264 26.21 2.62 -46.19
C ILE A 264 26.63 1.74 -47.40
N PRO A 265 27.25 2.33 -48.44
CA PRO A 265 27.75 1.46 -49.50
C PRO A 265 28.83 0.50 -49.01
N LEU A 266 29.59 0.94 -48.02
CA LEU A 266 30.65 0.10 -47.46
C LEU A 266 30.00 -1.11 -46.77
N ILE A 267 28.93 -0.87 -46.02
CA ILE A 267 28.20 -1.94 -45.35
C ILE A 267 27.67 -2.96 -46.37
N GLU A 268 27.03 -2.45 -47.42
CA GLU A 268 26.49 -3.32 -48.46
C GLU A 268 27.59 -4.13 -49.14
N ASP A 269 28.74 -3.48 -49.33
CA ASP A 269 29.90 -4.10 -49.99
C ASP A 269 30.45 -5.22 -49.11
N VAL A 270 30.54 -4.96 -47.81
CA VAL A 270 30.98 -5.95 -46.85
C VAL A 270 30.10 -7.19 -46.91
N LEU A 271 28.78 -6.98 -46.83
CA LEU A 271 27.88 -8.12 -46.84
C LEU A 271 27.83 -8.85 -48.18
N ALA A 272 28.04 -8.13 -49.27
CA ALA A 272 27.97 -8.74 -50.60
C ALA A 272 29.04 -9.80 -50.82
N ALA A 273 30.12 -9.72 -50.05
CA ALA A 273 31.26 -10.63 -50.18
C ALA A 273 30.90 -12.09 -49.88
N GLY A 274 29.76 -12.30 -49.24
CA GLY A 274 29.28 -13.65 -48.98
C GLY A 274 28.93 -14.38 -50.26
N GLU A 275 28.83 -13.62 -51.36
CA GLU A 275 28.54 -14.14 -52.69
C GLU A 275 27.18 -14.82 -52.73
N ILE A 276 26.26 -14.24 -51.96
CA ILE A 276 24.85 -14.59 -51.96
C ILE A 276 24.03 -13.41 -52.48
N GLN A 277 22.93 -13.69 -53.17
CA GLN A 277 22.10 -12.65 -53.77
C GLN A 277 21.55 -11.69 -52.71
N PRO A 278 21.88 -10.40 -52.85
CA PRO A 278 21.38 -9.36 -51.93
C PRO A 278 19.87 -9.13 -52.08
N PRO A 279 19.24 -8.55 -51.05
CA PRO A 279 17.81 -8.20 -51.17
C PRO A 279 17.59 -7.06 -52.15
N ALA A 280 16.46 -7.07 -52.85
CA ALA A 280 16.12 -6.03 -53.84
C ALA A 280 16.16 -4.63 -53.24
N THR B 1 25.53 13.50 -8.15
CA THR B 1 26.23 13.40 -9.41
C THR B 1 25.29 12.95 -10.50
N TRP B 2 25.49 11.71 -10.95
CA TRP B 2 24.64 11.15 -11.99
C TRP B 2 24.57 9.62 -11.91
N LEU B 3 23.37 9.10 -12.09
CA LEU B 3 23.14 7.66 -12.04
C LEU B 3 22.44 7.17 -13.30
N PRO B 4 22.87 6.03 -13.83
CA PRO B 4 22.27 5.45 -15.04
C PRO B 4 20.79 5.12 -14.86
N LEU B 5 20.07 5.14 -15.96
CA LEU B 5 18.63 4.94 -15.97
C LEU B 5 18.31 3.66 -16.76
N ASN B 6 17.78 2.64 -16.08
CA ASN B 6 17.55 1.35 -16.72
C ASN B 6 16.10 0.91 -16.73
N PRO B 7 15.69 0.17 -17.77
CA PRO B 7 14.32 -0.34 -17.90
C PRO B 7 13.94 -1.33 -16.81
N ILE B 8 12.70 -1.25 -16.31
CA ILE B 8 12.21 -2.24 -15.35
C ILE B 8 11.46 -3.32 -16.13
N PRO B 9 11.35 -4.53 -15.55
CA PRO B 9 10.68 -5.65 -16.21
C PRO B 9 9.31 -5.31 -16.77
N LEU B 10 8.98 -5.90 -17.91
CA LEU B 10 7.72 -5.62 -18.59
C LEU B 10 6.50 -6.01 -17.75
N LYS B 11 6.59 -7.15 -17.06
CA LYS B 11 5.50 -7.64 -16.24
C LYS B 11 5.19 -6.72 -15.07
N ASP B 12 6.15 -5.89 -14.69
CA ASP B 12 6.00 -4.99 -13.55
C ASP B 12 5.31 -3.68 -13.96
N ARG B 13 4.85 -3.60 -15.19
CA ARG B 13 4.36 -2.32 -15.72
C ARG B 13 2.87 -2.26 -16.00
N VAL B 14 2.36 -1.02 -15.97
CA VAL B 14 1.05 -0.71 -16.49
C VAL B 14 1.15 -0.94 -18.00
N SER B 15 0.09 -1.45 -18.63
CA SER B 15 0.20 -1.88 -20.02
C SER B 15 0.32 -0.71 -20.98
N MET B 16 -0.63 0.20 -20.94
CA MET B 16 -0.54 1.32 -21.87
C MET B 16 -1.23 2.59 -21.38
N ILE B 17 -0.86 3.71 -22.00
CA ILE B 17 -1.39 5.02 -21.67
C ILE B 17 -1.62 5.77 -22.96
N PHE B 18 -2.74 6.47 -23.05
CA PHE B 18 -3.03 7.23 -24.26
C PHE B 18 -2.88 8.73 -24.07
N LEU B 19 -2.08 9.34 -24.95
CA LEU B 19 -1.84 10.79 -24.89
C LEU B 19 -2.32 11.48 -26.15
N GLN B 20 -2.93 12.66 -25.97
CA GLN B 20 -3.44 13.42 -27.10
C GLN B 20 -3.39 14.94 -26.88
N TYR B 21 -3.20 15.68 -27.99
CA TYR B 21 -3.31 17.14 -27.99
C TYR B 21 -2.53 17.83 -26.88
N GLY B 22 -1.23 17.92 -27.10
CA GLY B 22 -0.35 18.62 -26.20
C GLY B 22 1.07 18.37 -26.64
N GLN B 23 2.00 19.12 -26.09
CA GLN B 23 3.38 18.88 -26.43
C GLN B 23 4.02 18.09 -25.31
N ILE B 24 4.74 17.04 -25.70
CA ILE B 24 5.45 16.22 -24.76
C ILE B 24 6.90 16.68 -24.63
N ASP B 25 7.31 16.96 -23.39
CA ASP B 25 8.64 17.47 -23.12
C ASP B 25 9.28 16.69 -22.00
N VAL B 26 10.52 17.05 -21.72
CA VAL B 26 11.24 16.53 -20.59
C VAL B 26 11.50 17.71 -19.68
N ILE B 27 11.11 17.58 -18.43
CA ILE B 27 11.37 18.60 -17.43
C ILE B 27 12.10 17.95 -16.29
N ASP B 28 13.32 18.40 -16.03
CA ASP B 28 14.16 17.85 -14.96
C ASP B 28 14.23 16.32 -15.07
N GLY B 29 14.36 15.84 -16.30
CA GLY B 29 14.52 14.42 -16.57
C GLY B 29 13.25 13.61 -16.44
N ALA B 30 12.09 14.26 -16.50
CA ALA B 30 10.83 13.54 -16.44
C ALA B 30 9.93 13.81 -17.66
N PHE B 31 9.15 12.79 -18.02
CA PHE B 31 8.21 12.84 -19.13
C PHE B 31 6.98 13.66 -18.76
N VAL B 32 6.61 14.63 -19.61
CA VAL B 32 5.55 15.57 -19.23
C VAL B 32 4.71 15.96 -20.45
N LEU B 33 3.39 15.94 -20.31
CA LEU B 33 2.48 16.42 -21.34
C LEU B 33 1.93 17.78 -20.98
N ILE B 34 1.99 18.73 -21.91
CA ILE B 34 1.52 20.08 -21.64
C ILE B 34 0.40 20.42 -22.63
N ASP B 35 -0.75 20.87 -22.15
CA ASP B 35 -1.84 21.11 -23.10
C ASP B 35 -1.85 22.57 -23.52
N LYS B 36 -2.81 22.92 -24.36
CA LYS B 36 -2.92 24.26 -24.92
C LYS B 36 -3.05 25.37 -23.87
N THR B 37 -3.52 25.03 -22.68
CA THR B 37 -3.75 26.01 -21.62
C THR B 37 -2.59 26.12 -20.62
N GLY B 38 -1.58 25.27 -20.78
CA GLY B 38 -0.41 25.34 -19.91
C GLY B 38 -0.39 24.28 -18.82
N ILE B 39 -1.43 23.46 -18.75
CA ILE B 39 -1.51 22.46 -17.70
C ILE B 39 -0.51 21.34 -17.93
N ARG B 40 0.38 21.17 -16.96
CA ARG B 40 1.40 20.14 -17.01
C ARG B 40 0.89 18.85 -16.36
N THR B 41 1.07 17.74 -17.06
CA THR B 41 0.65 16.43 -16.61
C THR B 41 1.87 15.54 -16.63
N HIS B 42 2.17 14.90 -15.51
CA HIS B 42 3.37 14.07 -15.44
C HIS B 42 3.05 12.62 -15.72
N ILE B 43 3.86 12.01 -16.59
CA ILE B 43 3.64 10.63 -16.99
C ILE B 43 4.79 9.75 -16.51
N PRO B 44 4.49 8.80 -15.62
CA PRO B 44 5.49 7.82 -15.16
C PRO B 44 5.89 6.90 -16.30
N VAL B 45 6.65 7.42 -17.27
CA VAL B 45 6.96 6.70 -18.50
C VAL B 45 7.67 5.36 -18.27
N GLY B 46 8.46 5.26 -17.21
CA GLY B 46 9.18 4.02 -16.97
C GLY B 46 8.29 2.90 -16.47
N SER B 47 7.09 3.24 -16.03
CA SER B 47 6.13 2.31 -15.43
C SER B 47 5.10 1.77 -16.43
N VAL B 48 5.25 2.17 -17.68
CA VAL B 48 4.33 1.79 -18.76
C VAL B 48 5.03 0.97 -19.82
N ALA B 49 4.31 0.02 -20.41
CA ALA B 49 4.87 -0.75 -21.51
C ALA B 49 4.76 0.02 -22.82
N CYS B 50 3.71 0.83 -22.95
CA CYS B 50 3.37 1.48 -24.21
C CYS B 50 2.79 2.85 -24.00
N ILE B 51 3.33 3.83 -24.71
CA ILE B 51 2.70 5.14 -24.73
C ILE B 51 2.17 5.35 -26.13
N MET B 52 0.85 5.52 -26.22
CA MET B 52 0.18 5.65 -27.50
C MET B 52 -0.07 7.12 -27.76
N LEU B 53 0.53 7.63 -28.84
CA LEU B 53 0.46 9.04 -29.15
C LEU B 53 -0.62 9.33 -30.18
N GLU B 54 -1.68 10.03 -29.76
CA GLU B 54 -2.80 10.33 -30.66
C GLU B 54 -2.55 11.63 -31.43
N PRO B 55 -3.39 11.92 -32.45
CA PRO B 55 -3.20 13.17 -33.21
C PRO B 55 -3.15 14.40 -32.34
N GLY B 56 -2.32 15.36 -32.73
CA GLY B 56 -2.18 16.61 -32.00
C GLY B 56 -1.09 16.57 -30.95
N THR B 57 -0.33 15.48 -30.88
CA THR B 57 0.79 15.42 -29.94
C THR B 57 2.05 15.87 -30.65
N ARG B 58 2.97 16.48 -29.92
CA ARG B 58 4.23 16.93 -30.52
C ARG B 58 5.34 16.58 -29.54
N VAL B 59 6.20 15.66 -29.97
CA VAL B 59 7.17 15.07 -29.06
C VAL B 59 8.57 15.62 -29.28
N SER B 60 9.18 16.05 -28.19
CA SER B 60 10.53 16.56 -28.26
C SER B 60 11.53 15.42 -28.41
N HIS B 61 12.69 15.77 -28.95
CA HIS B 61 13.82 14.85 -29.08
C HIS B 61 14.15 14.21 -27.72
N ALA B 62 14.20 15.03 -26.68
CA ALA B 62 14.50 14.57 -25.34
C ALA B 62 13.49 13.53 -24.84
N ALA B 63 12.23 13.73 -25.16
CA ALA B 63 11.20 12.79 -24.70
C ALA B 63 11.35 11.43 -25.38
N VAL B 64 11.63 11.45 -26.69
CA VAL B 64 11.78 10.20 -27.44
C VAL B 64 13.00 9.44 -26.93
N ARG B 65 14.06 10.21 -26.66
CA ARG B 65 15.27 9.67 -26.05
C ARG B 65 14.98 9.01 -24.71
N LEU B 66 14.19 9.69 -23.88
CA LEU B 66 13.89 9.18 -22.53
C LEU B 66 13.08 7.89 -22.60
N ALA B 67 12.05 7.91 -23.44
CA ALA B 67 11.23 6.72 -23.61
C ALA B 67 12.09 5.54 -24.03
N ALA B 68 13.02 5.77 -24.97
CA ALA B 68 13.88 4.67 -25.37
C ALA B 68 14.79 4.23 -24.23
N GLN B 69 15.27 5.19 -23.43
CA GLN B 69 16.17 4.87 -22.34
C GLN B 69 15.50 3.98 -21.29
N VAL B 70 14.23 4.21 -21.00
CA VAL B 70 13.59 3.42 -19.95
C VAL B 70 12.91 2.18 -20.55
N GLY B 71 12.96 2.07 -21.87
CA GLY B 71 12.46 0.89 -22.56
C GLY B 71 10.96 0.90 -22.78
N THR B 72 10.39 2.09 -22.84
CA THR B 72 8.98 2.24 -23.13
C THR B 72 8.79 2.46 -24.62
N LEU B 73 7.90 1.68 -25.22
CA LEU B 73 7.66 1.78 -26.65
C LEU B 73 6.76 2.97 -26.94
N LEU B 74 7.13 3.83 -27.89
CA LEU B 74 6.20 4.86 -28.29
C LEU B 74 5.45 4.40 -29.51
N VAL B 75 4.12 4.45 -29.45
CA VAL B 75 3.30 4.06 -30.57
C VAL B 75 2.40 5.19 -31.02
N TRP B 76 2.53 5.55 -32.30
CA TRP B 76 1.68 6.56 -32.91
C TRP B 76 0.50 5.88 -33.57
N VAL B 77 -0.69 6.28 -33.11
CA VAL B 77 -1.93 5.72 -33.60
C VAL B 77 -2.73 6.78 -34.35
N GLY B 78 -3.36 6.36 -35.44
CA GLY B 78 -4.25 7.19 -36.21
C GLY B 78 -5.69 6.98 -35.80
N GLU B 79 -6.58 7.24 -36.76
CA GLU B 79 -8.01 6.98 -36.71
C GLU B 79 -8.35 5.53 -36.47
N ALA B 80 -9.41 5.33 -35.69
CA ALA B 80 -9.89 4.03 -35.24
C ALA B 80 -8.80 3.38 -34.43
N GLY B 81 -7.87 4.23 -34.01
CA GLY B 81 -6.79 3.84 -33.15
C GLY B 81 -5.83 2.83 -33.74
N VAL B 82 -5.72 2.75 -35.06
CA VAL B 82 -4.81 1.76 -35.67
C VAL B 82 -3.37 2.17 -35.47
N ARG B 83 -2.50 1.20 -35.20
CA ARG B 83 -1.08 1.49 -35.06
C ARG B 83 -0.54 2.00 -36.37
N VAL B 84 0.23 3.07 -36.28
CA VAL B 84 0.81 3.71 -37.45
C VAL B 84 2.34 3.73 -37.45
N TYR B 85 2.93 3.86 -36.27
CA TYR B 85 4.38 3.94 -36.22
C TYR B 85 4.87 3.67 -34.81
N ALA B 86 6.14 3.32 -34.67
CA ALA B 86 6.65 3.06 -33.34
C ALA B 86 8.08 3.49 -33.24
N SER B 87 8.51 3.70 -32.00
CA SER B 87 9.83 4.22 -31.72
C SER B 87 10.35 3.51 -30.50
N GLY B 88 11.60 3.08 -30.58
CA GLY B 88 12.26 2.39 -29.49
C GLY B 88 13.75 2.30 -29.66
N GLN B 89 14.40 1.70 -28.67
CA GLN B 89 15.85 1.52 -28.66
C GLN B 89 16.31 0.53 -29.74
N PRO B 90 17.10 1.03 -30.71
CA PRO B 90 17.57 0.27 -31.88
C PRO B 90 18.58 -0.81 -31.47
N GLY B 91 19.38 -0.49 -30.45
CA GLY B 91 20.40 -1.39 -29.94
C GLY B 91 19.87 -2.29 -28.85
N GLY B 92 18.56 -2.32 -28.70
CA GLY B 92 17.91 -3.16 -27.71
C GLY B 92 18.01 -4.67 -27.90
N ALA B 93 18.12 -5.12 -29.14
CA ALA B 93 18.14 -6.56 -29.41
C ALA B 93 19.40 -7.26 -28.92
N ARG B 94 19.25 -8.54 -28.61
CA ARG B 94 20.34 -9.38 -28.09
C ARG B 94 20.74 -10.34 -29.21
N SER B 95 22.02 -10.41 -29.51
CA SER B 95 22.48 -11.19 -30.66
C SER B 95 22.11 -12.67 -30.59
N ASP B 96 22.26 -13.30 -29.43
CA ASP B 96 21.97 -14.72 -29.30
C ASP B 96 20.47 -14.98 -29.56
N LYS B 97 19.63 -14.09 -29.07
CA LYS B 97 18.18 -14.19 -29.27
C LYS B 97 17.79 -14.01 -30.73
N LEU B 98 18.36 -12.97 -31.34
CA LEU B 98 18.12 -12.65 -32.73
C LEU B 98 18.55 -13.78 -33.65
N LEU B 99 19.72 -14.34 -33.39
CA LEU B 99 20.24 -15.42 -34.21
C LEU B 99 19.49 -16.71 -33.99
N TYR B 100 18.98 -16.91 -32.78
CA TYR B 100 18.15 -18.07 -32.47
C TYR B 100 16.87 -18.01 -33.30
N GLN B 101 16.20 -16.87 -33.21
CA GLN B 101 14.98 -16.62 -33.97
C GLN B 101 15.23 -16.76 -35.47
N ALA B 102 16.32 -16.18 -35.94
CA ALA B 102 16.66 -16.24 -37.37
C ALA B 102 16.90 -17.67 -37.81
N LYS B 103 17.63 -18.43 -37.01
CA LYS B 103 17.89 -19.83 -37.32
C LYS B 103 16.60 -20.62 -37.42
N LEU B 104 15.68 -20.37 -36.49
CA LEU B 104 14.40 -21.06 -36.52
C LEU B 104 13.59 -20.69 -37.75
N ALA B 105 13.67 -19.43 -38.16
CA ALA B 105 12.89 -18.94 -39.30
C ALA B 105 13.45 -19.35 -40.67
N LEU B 106 14.77 -19.49 -40.76
CA LEU B 106 15.41 -19.77 -42.04
C LEU B 106 15.28 -21.22 -42.46
N ASP B 107 15.07 -22.08 -41.47
CA ASP B 107 14.97 -23.52 -41.71
C ASP B 107 13.50 -23.93 -41.78
N GLU B 108 13.09 -24.44 -42.95
CA GLU B 108 11.69 -24.74 -43.19
C GLU B 108 11.10 -25.80 -42.25
N ASP B 109 11.93 -26.76 -41.82
CA ASP B 109 11.47 -27.80 -40.92
C ASP B 109 11.29 -27.26 -39.50
N LEU B 110 12.24 -26.45 -39.06
CA LEU B 110 12.16 -25.83 -37.74
C LEU B 110 11.00 -24.85 -37.75
N ARG B 111 10.88 -24.12 -38.85
CA ARG B 111 9.78 -23.18 -39.02
C ARG B 111 8.46 -23.90 -38.89
N LEU B 112 8.35 -25.06 -39.53
CA LEU B 112 7.11 -25.82 -39.44
C LEU B 112 6.85 -26.20 -37.98
N LYS B 113 7.88 -26.62 -37.26
CA LYS B 113 7.69 -26.98 -35.85
C LYS B 113 7.12 -25.82 -35.04
N VAL B 114 7.69 -24.63 -35.24
CA VAL B 114 7.24 -23.43 -34.53
C VAL B 114 5.78 -23.07 -34.90
N VAL B 115 5.45 -23.16 -36.18
CA VAL B 115 4.08 -22.90 -36.63
C VAL B 115 3.09 -23.87 -35.98
N ARG B 116 3.47 -25.15 -35.91
CA ARG B 116 2.63 -26.15 -35.29
C ARG B 116 2.39 -25.82 -33.81
N LYS B 117 3.45 -25.37 -33.14
CA LYS B 117 3.30 -25.00 -31.74
C LYS B 117 2.33 -23.82 -31.60
N MET B 118 2.45 -22.85 -32.49
CA MET B 118 1.55 -21.69 -32.47
C MET B 118 0.10 -22.14 -32.62
N PHE B 119 -0.11 -23.06 -33.55
CA PHE B 119 -1.43 -23.62 -33.80
C PHE B 119 -2.01 -24.29 -32.54
N GLU B 120 -1.19 -25.13 -31.92
CA GLU B 120 -1.66 -25.87 -30.74
C GLU B 120 -1.99 -24.91 -29.60
N LEU B 121 -1.13 -23.92 -29.37
CA LEU B 121 -1.39 -22.95 -28.31
C LEU B 121 -2.65 -22.13 -28.60
N ARG B 122 -2.88 -21.84 -29.88
CA ARG B 122 -4.01 -20.99 -30.24
C ARG B 122 -5.35 -21.73 -30.15
N PHE B 123 -5.36 -23.00 -30.54
CA PHE B 123 -6.63 -23.74 -30.65
C PHE B 123 -6.81 -24.82 -29.60
N GLY B 124 -5.80 -25.03 -28.77
CA GLY B 124 -5.89 -25.99 -27.68
C GLY B 124 -5.82 -27.44 -28.10
N GLU B 125 -5.49 -27.70 -29.36
CA GLU B 125 -5.32 -29.06 -29.85
C GLU B 125 -4.21 -29.12 -30.89
N PRO B 126 -3.59 -30.29 -31.08
CA PRO B 126 -2.57 -30.42 -32.12
C PRO B 126 -3.15 -30.28 -33.53
N ALA B 127 -2.36 -29.72 -34.43
CA ALA B 127 -2.69 -29.63 -35.84
C ALA B 127 -2.61 -31.02 -36.49
N PRO B 128 -3.45 -31.29 -37.50
CA PRO B 128 -3.39 -32.58 -38.21
C PRO B 128 -1.99 -32.81 -38.77
N ALA B 129 -1.48 -34.03 -38.61
CA ALA B 129 -0.11 -34.35 -38.95
C ALA B 129 0.29 -34.20 -40.42
N ARG B 130 1.59 -33.93 -40.63
CA ARG B 130 2.16 -33.84 -41.98
C ARG B 130 1.48 -32.81 -42.88
N ARG B 131 1.17 -31.65 -42.31
CA ARG B 131 0.54 -30.57 -43.07
C ARG B 131 1.62 -29.50 -43.24
N SER B 132 1.68 -28.88 -44.42
CA SER B 132 2.65 -27.82 -44.64
C SER B 132 2.21 -26.53 -43.97
N VAL B 133 3.06 -25.51 -43.98
CA VAL B 133 2.73 -24.24 -43.35
C VAL B 133 1.48 -23.64 -43.98
N GLU B 134 1.40 -23.67 -45.31
CA GLU B 134 0.27 -23.07 -46.02
C GLU B 134 -1.05 -23.78 -45.73
N GLN B 135 -0.99 -25.10 -45.57
CA GLN B 135 -2.19 -25.86 -45.30
C GLN B 135 -2.69 -25.49 -43.91
N LEU B 136 -1.73 -25.24 -43.02
CA LEU B 136 -2.07 -24.88 -41.66
C LEU B 136 -2.68 -23.49 -41.69
N ARG B 137 -2.18 -22.64 -42.58
CA ARG B 137 -2.71 -21.30 -42.77
C ARG B 137 -4.20 -21.39 -43.11
N GLY B 138 -4.52 -22.28 -44.04
CA GLY B 138 -5.91 -22.46 -44.46
C GLY B 138 -6.82 -22.95 -43.35
N ILE B 139 -6.32 -23.90 -42.56
CA ILE B 139 -7.10 -24.42 -41.44
C ILE B 139 -7.37 -23.31 -40.41
N GLU B 140 -6.30 -22.58 -40.10
CA GLU B 140 -6.38 -21.48 -39.15
C GLU B 140 -7.41 -20.46 -39.62
N GLY B 141 -7.35 -20.10 -40.90
CA GLY B 141 -8.26 -19.10 -41.45
C GLY B 141 -9.71 -19.54 -41.36
N SER B 142 -9.94 -20.82 -41.65
CA SER B 142 -11.29 -21.36 -41.59
C SER B 142 -11.84 -21.27 -40.17
N ARG B 143 -11.01 -21.66 -39.21
CA ARG B 143 -11.45 -21.65 -37.82
C ARG B 143 -11.73 -20.22 -37.38
N VAL B 144 -10.94 -19.28 -37.88
CA VAL B 144 -11.16 -17.88 -37.55
C VAL B 144 -12.50 -17.37 -38.10
N ARG B 145 -12.84 -17.73 -39.34
CA ARG B 145 -14.18 -17.36 -39.86
C ARG B 145 -15.24 -17.88 -38.92
N ALA B 146 -15.07 -19.12 -38.49
CA ALA B 146 -16.03 -19.71 -37.57
C ALA B 146 -16.13 -18.91 -36.27
N THR B 147 -14.99 -18.45 -35.76
CA THR B 147 -14.99 -17.73 -34.49
C THR B 147 -15.70 -16.39 -34.62
N TYR B 148 -15.43 -15.67 -35.70
CA TYR B 148 -16.13 -14.40 -35.93
C TYR B 148 -17.63 -14.62 -36.00
N ALA B 149 -18.04 -15.66 -36.71
CA ALA B 149 -19.47 -15.97 -36.83
C ALA B 149 -20.11 -16.22 -35.47
N LEU B 150 -19.42 -17.04 -34.67
CA LEU B 150 -19.91 -17.42 -33.35
C LEU B 150 -20.02 -16.22 -32.41
N LEU B 151 -18.98 -15.40 -32.35
CA LEU B 151 -18.99 -14.21 -31.53
C LEU B 151 -20.12 -13.27 -31.93
N ALA B 152 -20.31 -13.13 -33.24
CA ALA B 152 -21.37 -12.29 -33.78
C ALA B 152 -22.73 -12.80 -33.30
N LYS B 153 -22.90 -14.12 -33.32
CA LYS B 153 -24.16 -14.71 -32.92
C LYS B 153 -24.42 -14.57 -31.42
N GLN B 154 -23.36 -14.71 -30.62
CA GLN B 154 -23.48 -14.60 -29.16
C GLN B 154 -23.77 -13.18 -28.69
N TYR B 155 -23.10 -12.20 -29.28
CA TYR B 155 -23.29 -10.83 -28.84
C TYR B 155 -24.38 -10.14 -29.66
N GLY B 156 -24.95 -10.88 -30.60
CA GLY B 156 -26.02 -10.36 -31.44
C GLY B 156 -25.59 -9.15 -32.27
N VAL B 157 -24.46 -9.29 -32.94
CA VAL B 157 -23.94 -8.22 -33.78
C VAL B 157 -23.99 -8.65 -35.23
N THR B 158 -24.50 -7.77 -36.09
CA THR B 158 -24.51 -8.02 -37.52
C THR B 158 -23.08 -8.07 -38.02
N TRP B 159 -22.73 -9.18 -38.67
CA TRP B 159 -21.36 -9.37 -39.15
C TRP B 159 -21.35 -9.62 -40.65
N ASN B 160 -20.75 -8.68 -41.37
CA ASN B 160 -20.64 -8.80 -42.82
C ASN B 160 -19.22 -8.98 -43.27
N GLY B 161 -18.34 -9.36 -42.34
CA GLY B 161 -16.97 -9.68 -42.70
C GLY B 161 -15.98 -8.70 -42.11
N ARG B 162 -14.69 -9.04 -42.19
CA ARG B 162 -13.66 -8.12 -41.73
C ARG B 162 -13.36 -7.19 -42.90
N ARG B 163 -13.84 -5.95 -42.81
CA ARG B 163 -13.66 -4.94 -43.85
C ARG B 163 -13.34 -3.56 -43.29
N TYR B 164 -12.37 -2.89 -43.90
CA TYR B 164 -12.06 -1.51 -43.55
C TYR B 164 -11.62 -0.79 -44.81
N ASP B 165 -11.82 0.52 -44.83
CA ASP B 165 -11.39 1.34 -45.97
C ASP B 165 -10.22 2.23 -45.55
N PRO B 166 -9.02 1.95 -46.10
CA PRO B 166 -7.78 2.66 -45.83
C PRO B 166 -7.87 4.15 -46.13
N LYS B 167 -8.84 4.56 -46.94
CA LYS B 167 -8.90 5.95 -47.36
C LYS B 167 -9.89 6.74 -46.52
N ASP B 168 -10.77 6.05 -45.79
CA ASP B 168 -11.78 6.71 -44.97
C ASP B 168 -12.24 5.81 -43.82
N TRP B 169 -12.08 6.26 -42.57
CA TRP B 169 -12.40 5.40 -41.42
C TRP B 169 -13.91 5.26 -41.25
N GLU B 170 -14.66 6.21 -41.82
CA GLU B 170 -16.11 6.24 -41.69
C GLU B 170 -16.79 5.18 -42.57
N LYS B 171 -16.03 4.55 -43.46
CA LYS B 171 -16.56 3.59 -44.42
C LYS B 171 -16.74 2.20 -43.80
N GLY B 172 -15.99 1.94 -42.74
CA GLY B 172 -16.05 0.69 -42.00
C GLY B 172 -17.20 0.51 -41.01
N ASP B 173 -17.51 -0.73 -40.64
CA ASP B 173 -18.54 -0.98 -39.62
C ASP B 173 -18.05 -0.52 -38.26
N THR B 174 -18.98 -0.43 -37.31
CA THR B 174 -18.62 -0.08 -35.95
C THR B 174 -17.84 -1.26 -35.36
N ILE B 175 -18.30 -2.47 -35.67
CA ILE B 175 -17.67 -3.66 -35.14
C ILE B 175 -16.24 -3.75 -35.67
N ASN B 176 -16.02 -3.47 -36.94
CA ASN B 176 -14.68 -3.55 -37.50
C ASN B 176 -13.77 -2.45 -36.94
N GLN B 177 -14.37 -1.30 -36.66
CA GLN B 177 -13.65 -0.20 -36.01
C GLN B 177 -13.15 -0.69 -34.66
N CYS B 178 -14.05 -1.32 -33.92
CA CYS B 178 -13.73 -1.85 -32.60
C CYS B 178 -12.64 -2.91 -32.65
N ILE B 179 -12.78 -3.87 -33.57
CA ILE B 179 -11.79 -4.92 -33.70
C ILE B 179 -10.43 -4.30 -34.04
N SER B 180 -10.42 -3.33 -34.95
CA SER B 180 -9.18 -2.67 -35.31
C SER B 180 -8.51 -1.99 -34.13
N ALA B 181 -9.28 -1.26 -33.32
CA ALA B 181 -8.72 -0.58 -32.15
C ALA B 181 -8.18 -1.58 -31.09
N ALA B 182 -8.96 -2.64 -30.86
CA ALA B 182 -8.62 -3.65 -29.86
C ALA B 182 -7.33 -4.35 -30.23
N THR B 183 -7.30 -4.79 -31.48
CA THR B 183 -6.14 -5.42 -32.06
C THR B 183 -4.95 -4.48 -32.00
N SER B 184 -5.19 -3.21 -32.24
CA SER B 184 -4.14 -2.22 -32.14
C SER B 184 -3.51 -2.26 -30.76
N CYS B 185 -4.34 -2.28 -29.72
CA CYS B 185 -3.81 -2.33 -28.36
C CYS B 185 -2.95 -3.57 -28.15
N LEU B 186 -3.51 -4.70 -28.56
CA LEU B 186 -2.81 -5.97 -28.43
C LEU B 186 -1.45 -5.95 -29.13
N TYR B 187 -1.41 -5.42 -30.35
CA TYR B 187 -0.16 -5.30 -31.10
C TYR B 187 0.82 -4.35 -30.42
N GLY B 188 0.30 -3.35 -29.73
CA GLY B 188 1.16 -2.44 -29.00
C GLY B 188 1.93 -3.20 -27.93
N VAL B 189 1.19 -3.82 -27.00
CA VAL B 189 1.86 -4.54 -25.92
C VAL B 189 2.70 -5.72 -26.43
N THR B 190 2.24 -6.35 -27.51
CA THR B 190 2.99 -7.46 -28.11
C THR B 190 4.32 -7.02 -28.70
N GLU B 191 4.32 -5.92 -29.44
CA GLU B 191 5.56 -5.41 -30.02
C GLU B 191 6.50 -5.02 -28.89
N ALA B 192 5.95 -4.37 -27.86
CA ALA B 192 6.76 -4.00 -26.70
C ALA B 192 7.42 -5.26 -26.10
N ALA B 193 6.63 -6.31 -25.95
CA ALA B 193 7.12 -7.54 -25.36
C ALA B 193 8.22 -8.19 -26.21
N ILE B 194 7.94 -8.36 -27.49
CA ILE B 194 8.90 -8.95 -28.41
C ILE B 194 10.23 -8.20 -28.38
N LEU B 195 10.16 -6.87 -28.41
CA LEU B 195 11.38 -6.07 -28.34
C LEU B 195 12.11 -6.24 -27.01
N ALA B 196 11.37 -6.23 -25.91
CA ALA B 196 11.97 -6.37 -24.58
C ALA B 196 12.66 -7.73 -24.41
N ALA B 197 12.10 -8.76 -25.04
CA ALA B 197 12.67 -10.10 -24.96
C ALA B 197 13.93 -10.22 -25.82
N GLY B 198 14.18 -9.20 -26.63
CA GLY B 198 15.37 -9.14 -27.48
C GLY B 198 15.21 -9.73 -28.87
N TYR B 199 13.97 -9.86 -29.33
CA TYR B 199 13.70 -10.45 -30.63
C TYR B 199 13.32 -9.41 -31.67
N ALA B 200 13.25 -9.83 -32.93
CA ALA B 200 12.90 -8.93 -34.02
C ALA B 200 11.44 -9.10 -34.42
N PRO B 201 10.65 -8.01 -34.36
CA PRO B 201 9.24 -8.06 -34.77
C PRO B 201 9.05 -8.47 -36.23
N ALA B 202 10.07 -8.27 -37.06
CA ALA B 202 9.91 -8.49 -38.50
C ALA B 202 10.12 -9.94 -38.92
N ILE B 203 10.72 -10.75 -38.07
CA ILE B 203 10.99 -12.14 -38.42
C ILE B 203 9.92 -13.06 -37.84
N GLY B 204 8.97 -13.44 -38.68
CA GLY B 204 7.83 -14.23 -38.26
C GLY B 204 7.83 -15.64 -38.83
N PHE B 205 6.78 -16.40 -38.51
CA PHE B 205 6.73 -17.80 -38.87
C PHE B 205 5.45 -18.16 -39.64
N VAL B 206 4.30 -17.78 -39.10
CA VAL B 206 3.06 -17.92 -39.86
C VAL B 206 3.00 -16.78 -40.86
N HIS B 207 3.05 -15.56 -40.36
CA HIS B 207 3.11 -14.38 -41.20
C HIS B 207 4.57 -14.08 -41.50
N THR B 208 4.91 -13.81 -42.76
CA THR B 208 6.29 -13.49 -43.10
C THR B 208 6.35 -12.30 -44.05
N GLY B 209 7.50 -11.63 -44.07
CA GLY B 209 7.75 -10.57 -45.03
C GLY B 209 7.34 -9.18 -44.60
N LYS B 210 6.56 -9.08 -43.54
CA LYS B 210 6.09 -7.79 -43.05
C LYS B 210 6.94 -7.30 -41.87
N PRO B 211 6.99 -5.98 -41.67
CA PRO B 211 7.76 -5.41 -40.55
C PRO B 211 7.26 -5.85 -39.17
N LEU B 212 6.03 -6.35 -39.08
CA LEU B 212 5.46 -6.75 -37.79
C LEU B 212 5.01 -8.21 -37.76
N SER B 213 5.56 -9.01 -38.66
CA SER B 213 5.16 -10.41 -38.84
C SER B 213 5.08 -11.21 -37.54
N PHE B 214 6.15 -11.16 -36.75
CA PHE B 214 6.21 -11.93 -35.50
C PHE B 214 5.15 -11.40 -34.53
N VAL B 215 4.91 -10.10 -34.56
CA VAL B 215 3.86 -9.50 -33.75
C VAL B 215 2.51 -10.14 -34.11
N TYR B 216 2.24 -10.23 -35.41
CA TYR B 216 1.00 -10.86 -35.86
C TYR B 216 0.91 -12.29 -35.36
N ASP B 217 2.01 -13.02 -35.53
CA ASP B 217 2.08 -14.41 -35.08
C ASP B 217 1.69 -14.54 -33.61
N ILE B 218 2.40 -13.82 -32.75
CA ILE B 218 2.18 -13.96 -31.31
C ILE B 218 0.81 -13.48 -30.88
N ALA B 219 0.42 -12.29 -31.34
CA ALA B 219 -0.87 -11.73 -30.95
C ALA B 219 -2.03 -12.62 -31.34
N ASP B 220 -1.97 -13.19 -32.55
CA ASP B 220 -3.05 -14.03 -33.04
C ASP B 220 -3.34 -15.23 -32.13
N ILE B 221 -2.33 -15.68 -31.39
CA ILE B 221 -2.49 -16.84 -30.51
C ILE B 221 -3.48 -16.53 -29.39
N ILE B 222 -3.46 -15.30 -28.89
CA ILE B 222 -4.32 -14.95 -27.77
C ILE B 222 -5.39 -13.88 -28.06
N LYS B 223 -5.42 -13.34 -29.28
CA LYS B 223 -6.34 -12.24 -29.59
C LYS B 223 -7.82 -12.64 -29.41
N PHE B 224 -8.17 -13.90 -29.65
CA PHE B 224 -9.59 -14.27 -29.56
C PHE B 224 -9.99 -14.74 -28.18
N ASP B 225 -9.02 -14.92 -27.29
CA ASP B 225 -9.31 -15.23 -25.89
C ASP B 225 -9.69 -13.94 -25.19
N THR B 226 -8.99 -12.87 -25.56
CA THR B 226 -9.02 -11.62 -24.79
C THR B 226 -9.81 -10.50 -25.48
N VAL B 227 -9.18 -9.82 -26.42
CA VAL B 227 -9.67 -8.54 -26.92
C VAL B 227 -10.89 -8.58 -27.88
N VAL B 228 -10.89 -9.49 -28.85
CA VAL B 228 -11.94 -9.51 -29.86
C VAL B 228 -13.36 -9.72 -29.28
N PRO B 229 -13.52 -10.67 -28.34
CA PRO B 229 -14.84 -10.76 -27.71
C PRO B 229 -15.30 -9.45 -27.08
N LYS B 230 -14.36 -8.73 -26.47
CA LYS B 230 -14.71 -7.50 -25.77
C LYS B 230 -15.10 -6.44 -26.80
N ALA B 231 -14.46 -6.52 -27.96
CA ALA B 231 -14.80 -5.68 -29.11
C ALA B 231 -16.23 -5.93 -29.58
N PHE B 232 -16.65 -7.18 -29.60
CA PHE B 232 -18.03 -7.46 -30.00
C PHE B 232 -18.99 -6.92 -28.93
N GLU B 233 -18.60 -7.07 -27.68
CA GLU B 233 -19.47 -6.59 -26.60
C GLU B 233 -19.68 -5.08 -26.68
N ILE B 234 -18.59 -4.34 -26.95
CA ILE B 234 -18.69 -2.88 -27.07
C ILE B 234 -19.44 -2.46 -28.34
N ALA B 235 -19.19 -3.16 -29.45
CA ALA B 235 -19.87 -2.88 -30.71
C ALA B 235 -21.38 -3.04 -30.55
N ARG B 236 -21.78 -4.03 -29.76
CA ARG B 236 -23.20 -4.31 -29.51
C ARG B 236 -23.94 -3.07 -28.98
N ARG B 237 -23.27 -2.29 -28.14
CA ARG B 237 -23.83 -1.08 -27.55
C ARG B 237 -23.93 0.12 -28.52
N ASN B 238 -23.26 0.03 -29.67
CA ASN B 238 -23.22 1.13 -30.64
C ASN B 238 -22.85 2.46 -30.01
N PRO B 239 -21.62 2.57 -29.50
CA PRO B 239 -21.30 3.81 -28.79
C PRO B 239 -20.93 4.95 -29.72
N GLY B 240 -20.83 6.14 -29.15
CA GLY B 240 -20.45 7.32 -29.90
C GLY B 240 -19.01 7.19 -30.32
N GLU B 241 -18.11 7.26 -29.35
CA GLU B 241 -16.69 7.11 -29.62
C GLU B 241 -16.37 5.76 -29.06
N PRO B 242 -16.29 4.75 -29.99
CA PRO B 242 -16.03 3.43 -29.43
C PRO B 242 -14.57 3.18 -29.11
N ASP B 243 -13.71 4.05 -29.56
CA ASP B 243 -12.31 3.88 -29.30
C ASP B 243 -11.95 3.94 -27.86
N ARG B 244 -12.35 4.97 -27.17
CA ARG B 244 -11.94 5.07 -25.77
C ARG B 244 -12.50 3.95 -24.90
N GLU B 245 -13.69 3.49 -25.23
CA GLU B 245 -14.27 2.39 -24.48
C GLU B 245 -13.52 1.09 -24.76
N VAL B 246 -13.10 0.92 -26.01
CA VAL B 246 -12.34 -0.27 -26.40
C VAL B 246 -10.97 -0.27 -25.71
N ARG B 247 -10.27 0.87 -25.77
CA ARG B 247 -8.97 1.04 -25.12
C ARG B 247 -9.06 0.76 -23.63
N LEU B 248 -10.05 1.32 -22.94
CA LEU B 248 -10.20 1.00 -21.51
C LEU B 248 -10.46 -0.47 -21.27
N ALA B 249 -11.32 -1.07 -22.09
CA ALA B 249 -11.65 -2.47 -21.94
C ALA B 249 -10.41 -3.34 -22.09
N CYS B 250 -9.58 -3.00 -23.07
CA CYS B 250 -8.35 -3.74 -23.31
C CYS B 250 -7.36 -3.60 -22.16
N ARG B 251 -7.29 -2.40 -21.59
CA ARG B 251 -6.46 -2.20 -20.39
C ARG B 251 -6.92 -3.18 -19.30
N ASP B 252 -8.22 -3.19 -19.03
CA ASP B 252 -8.76 -4.06 -17.98
C ASP B 252 -8.50 -5.53 -18.26
N ILE B 253 -8.64 -5.92 -19.53
CA ILE B 253 -8.36 -7.30 -19.93
C ILE B 253 -6.90 -7.66 -19.65
N PHE B 254 -5.99 -6.79 -20.07
CA PHE B 254 -4.56 -7.04 -19.90
C PHE B 254 -4.20 -7.17 -18.42
N ARG B 255 -4.85 -6.37 -17.58
CA ARG B 255 -4.59 -6.46 -16.14
C ARG B 255 -5.14 -7.75 -15.56
N SER B 256 -6.41 -8.02 -15.79
CA SER B 256 -7.09 -9.18 -15.22
C SER B 256 -6.54 -10.49 -15.78
N SER B 257 -6.04 -10.46 -17.01
CA SER B 257 -5.50 -11.68 -17.62
C SER B 257 -3.99 -11.76 -17.43
N LYS B 258 -3.40 -10.69 -16.90
CA LYS B 258 -1.96 -10.62 -16.66
C LYS B 258 -1.18 -10.89 -17.95
N THR B 259 -1.63 -10.23 -19.03
CA THR B 259 -1.07 -10.44 -20.37
C THR B 259 0.43 -10.12 -20.46
N LEU B 260 0.83 -9.01 -19.87
CA LEU B 260 2.24 -8.61 -19.92
C LEU B 260 3.13 -9.68 -19.31
N ALA B 261 2.72 -10.24 -18.19
CA ALA B 261 3.48 -11.28 -17.51
C ALA B 261 3.53 -12.57 -18.34
N LYS B 262 2.53 -12.76 -19.18
CA LYS B 262 2.43 -13.97 -20.00
C LYS B 262 3.11 -13.93 -21.36
N LEU B 263 3.32 -12.74 -21.91
CA LEU B 263 3.76 -12.62 -23.29
C LEU B 263 5.18 -13.14 -23.57
N ILE B 264 6.14 -12.80 -22.72
CA ILE B 264 7.51 -13.25 -22.96
C ILE B 264 7.63 -14.77 -22.79
N PRO B 265 7.06 -15.35 -21.71
CA PRO B 265 7.09 -16.82 -21.66
C PRO B 265 6.38 -17.46 -22.84
N LEU B 266 5.35 -16.80 -23.37
CA LEU B 266 4.66 -17.33 -24.55
C LEU B 266 5.60 -17.36 -25.76
N ILE B 267 6.33 -16.28 -25.95
CA ILE B 267 7.29 -16.18 -27.04
C ILE B 267 8.36 -17.26 -26.94
N GLU B 268 8.92 -17.39 -25.74
CA GLU B 268 9.97 -18.37 -25.54
C GLU B 268 9.45 -19.78 -25.75
N ASP B 269 8.22 -20.04 -25.32
CA ASP B 269 7.62 -21.36 -25.43
C ASP B 269 7.40 -21.71 -26.90
N VAL B 270 6.87 -20.73 -27.64
CA VAL B 270 6.67 -20.89 -29.08
C VAL B 270 7.98 -21.21 -29.81
N LEU B 271 9.03 -20.42 -29.57
CA LEU B 271 10.30 -20.67 -30.26
C LEU B 271 10.96 -21.97 -29.82
N ALA B 272 10.72 -22.37 -28.57
CA ALA B 272 11.33 -23.58 -28.01
C ALA B 272 10.92 -24.84 -28.76
N ALA B 273 9.78 -24.77 -29.45
CA ALA B 273 9.25 -25.91 -30.18
C ALA B 273 10.12 -26.32 -31.37
N GLY B 274 10.99 -25.42 -31.81
CA GLY B 274 11.93 -25.75 -32.87
C GLY B 274 12.92 -26.81 -32.43
N GLU B 275 12.98 -27.04 -31.12
CA GLU B 275 13.85 -28.05 -30.50
C GLU B 275 15.32 -27.79 -30.78
N ILE B 276 15.68 -26.52 -30.80
CA ILE B 276 17.07 -26.10 -30.84
C ILE B 276 17.26 -25.53 -29.45
N GLN B 277 18.42 -25.72 -28.84
CA GLN B 277 18.56 -25.24 -27.47
C GLN B 277 18.44 -23.73 -27.36
N PRO B 278 17.52 -23.27 -26.48
CA PRO B 278 17.31 -21.84 -26.25
C PRO B 278 18.53 -21.14 -25.64
N PRO B 279 18.60 -19.82 -25.78
CA PRO B 279 19.66 -18.99 -25.18
C PRO B 279 19.35 -18.72 -23.69
N ALA B 280 20.15 -17.88 -23.06
CA ALA B 280 20.02 -17.54 -21.63
C ALA B 280 20.76 -18.64 -20.88
N VAL C 14 -17.20 1.87 49.73
CA VAL C 14 -17.98 2.91 50.38
C VAL C 14 -17.10 4.16 50.56
N SER C 15 -15.90 3.98 51.12
CA SER C 15 -14.99 5.11 51.37
C SER C 15 -14.23 5.49 50.09
N MET C 16 -14.13 6.78 49.81
CA MET C 16 -13.45 7.21 48.59
C MET C 16 -12.82 8.58 48.74
N ILE C 17 -11.95 8.94 47.81
CA ILE C 17 -11.30 10.25 47.84
C ILE C 17 -11.16 10.84 46.44
N PHE C 18 -11.32 12.15 46.31
CA PHE C 18 -11.15 12.82 45.03
C PHE C 18 -9.81 13.51 44.94
N LEU C 19 -9.08 13.21 43.88
CA LEU C 19 -7.78 13.82 43.65
C LEU C 19 -7.74 14.59 42.36
N GLN C 20 -7.11 15.76 42.39
CA GLN C 20 -6.97 16.59 41.19
C GLN C 20 -5.64 17.31 41.22
N TYR C 21 -5.13 17.64 40.04
CA TYR C 21 -3.94 18.48 39.87
C TYR C 21 -2.74 17.92 40.62
N GLY C 22 -2.19 16.82 40.13
CA GLY C 22 -1.01 16.24 40.76
C GLY C 22 -0.73 14.85 40.27
N GLN C 23 0.42 14.30 40.66
CA GLN C 23 0.74 12.92 40.33
C GLN C 23 0.46 12.01 41.53
N ILE C 24 -0.18 10.89 41.25
CA ILE C 24 -0.46 9.91 42.29
C ILE C 24 0.70 8.94 42.28
N ASP C 25 1.37 8.80 43.41
CA ASP C 25 2.55 7.95 43.48
C ASP C 25 2.53 7.14 44.77
N VAL C 26 3.57 6.35 44.98
CA VAL C 26 3.71 5.62 46.23
C VAL C 26 4.97 6.00 47.02
N ILE C 27 4.79 6.30 48.30
CA ILE C 27 5.91 6.47 49.21
C ILE C 27 5.70 5.60 50.43
N ASP C 28 6.62 4.66 50.66
CA ASP C 28 6.53 3.75 51.79
C ASP C 28 5.21 3.00 51.91
N GLY C 29 4.73 2.47 50.79
CA GLY C 29 3.54 1.63 50.81
C GLY C 29 2.25 2.39 51.02
N ALA C 30 2.28 3.70 50.77
CA ALA C 30 1.09 4.54 50.85
C ALA C 30 0.86 5.34 49.57
N PHE C 31 -0.40 5.63 49.27
CA PHE C 31 -0.76 6.49 48.14
C PHE C 31 -0.43 7.93 48.48
N VAL C 32 -0.01 8.67 47.48
CA VAL C 32 0.50 10.00 47.69
C VAL C 32 0.15 10.92 46.52
N LEU C 33 -0.35 12.11 46.79
CA LEU C 33 -0.53 13.09 45.72
C LEU C 33 0.55 14.14 45.85
N ILE C 34 1.29 14.29 44.74
CA ILE C 34 2.46 15.16 44.60
C ILE C 34 2.35 16.23 43.53
N ASP C 35 2.65 17.45 43.91
CA ASP C 35 2.73 18.56 42.98
C ASP C 35 4.10 19.21 43.16
N LYS C 36 4.34 20.30 42.47
CA LYS C 36 5.61 21.03 42.61
C LYS C 36 5.85 21.55 44.05
N THR C 37 4.81 21.56 44.89
CA THR C 37 4.98 22.05 46.26
C THR C 37 5.38 20.90 47.17
N GLY C 38 5.53 19.71 46.61
CA GLY C 38 5.91 18.53 47.37
C GLY C 38 4.70 17.65 47.58
N ILE C 39 4.63 16.95 48.70
CA ILE C 39 3.47 16.09 48.96
C ILE C 39 2.26 16.92 49.34
N ARG C 40 1.20 16.79 48.53
CA ARG C 40 -0.02 17.51 48.76
C ARG C 40 -0.96 16.70 49.66
N THR C 41 -1.20 15.44 49.27
CA THR C 41 -2.10 14.60 50.08
C THR C 41 -1.51 13.23 50.41
N HIS C 42 -1.52 12.83 51.67
CA HIS C 42 -1.04 11.50 52.02
C HIS C 42 -2.23 10.56 52.26
N ILE C 43 -2.26 9.43 51.55
CA ILE C 43 -3.34 8.45 51.68
C ILE C 43 -2.89 7.06 52.14
N PRO C 44 -3.25 6.67 53.38
CA PRO C 44 -2.96 5.30 53.83
C PRO C 44 -3.77 4.26 53.05
N VAL C 45 -3.15 3.12 52.74
CA VAL C 45 -3.75 2.10 51.88
C VAL C 45 -5.08 1.55 52.39
N GLY C 46 -5.23 1.49 53.71
CA GLY C 46 -6.45 1.00 54.30
C GLY C 46 -7.60 1.99 54.28
N SER C 47 -7.34 3.26 53.95
CA SER C 47 -8.38 4.26 54.14
C SER C 47 -9.30 4.51 52.96
N VAL C 48 -8.93 4.09 51.76
CA VAL C 48 -9.86 4.23 50.65
C VAL C 48 -10.03 2.94 49.85
N ALA C 49 -11.27 2.65 49.49
CA ALA C 49 -11.60 1.55 48.61
C ALA C 49 -11.54 2.02 47.16
N CYS C 50 -11.74 3.32 46.98
CA CYS C 50 -11.92 3.89 45.67
C CYS C 50 -11.25 5.24 45.53
N ILE C 51 -10.45 5.40 44.48
CA ILE C 51 -9.86 6.71 44.20
C ILE C 51 -10.40 7.31 42.91
N MET C 52 -11.01 8.49 43.02
CA MET C 52 -11.57 9.18 41.86
C MET C 52 -10.57 10.19 41.34
N LEU C 53 -10.10 9.99 40.11
CA LEU C 53 -9.08 10.85 39.54
C LEU C 53 -9.70 11.92 38.65
N GLU C 54 -9.60 13.16 39.09
CA GLU C 54 -10.17 14.31 38.38
C GLU C 54 -9.17 14.83 37.34
N PRO C 55 -9.61 15.72 36.44
CA PRO C 55 -8.68 16.27 35.43
C PRO C 55 -7.41 16.87 36.04
N GLY C 56 -6.30 16.74 35.33
CA GLY C 56 -5.04 17.32 35.76
C GLY C 56 -4.21 16.35 36.60
N THR C 57 -4.69 15.12 36.71
CA THR C 57 -4.00 14.07 37.44
C THR C 57 -3.14 13.21 36.53
N ARG C 58 -2.13 12.59 37.13
CA ARG C 58 -1.22 11.68 36.42
C ARG C 58 -0.93 10.46 37.29
N VAL C 59 -1.13 9.27 36.74
CA VAL C 59 -0.98 8.05 37.54
C VAL C 59 0.33 7.30 37.26
N SER C 60 1.11 7.08 38.32
CA SER C 60 2.36 6.33 38.18
C SER C 60 2.08 4.83 38.14
N HIS C 61 2.99 4.10 37.50
CA HIS C 61 2.89 2.64 37.48
C HIS C 61 2.84 2.05 38.90
N ALA C 62 3.69 2.56 39.78
CA ALA C 62 3.77 2.08 41.16
C ALA C 62 2.44 2.19 41.88
N ALA C 63 1.72 3.27 41.64
CA ALA C 63 0.43 3.47 42.29
C ALA C 63 -0.60 2.46 41.81
N VAL C 64 -0.57 2.17 40.51
CA VAL C 64 -1.48 1.18 39.96
C VAL C 64 -1.17 -0.20 40.51
N ARG C 65 0.12 -0.49 40.61
CA ARG C 65 0.60 -1.75 41.17
C ARG C 65 0.06 -1.90 42.61
N LEU C 66 0.17 -0.82 43.38
CA LEU C 66 -0.29 -0.85 44.77
C LEU C 66 -1.81 -1.05 44.85
N ALA C 67 -2.53 -0.30 44.03
CA ALA C 67 -3.98 -0.40 43.97
C ALA C 67 -4.39 -1.83 43.65
N ALA C 68 -3.65 -2.47 42.74
CA ALA C 68 -3.93 -3.83 42.38
C ALA C 68 -3.69 -4.73 43.57
N GLN C 69 -2.65 -4.45 44.34
CA GLN C 69 -2.34 -5.29 45.49
C GLN C 69 -3.44 -5.25 46.55
N VAL C 70 -3.98 -4.06 46.78
CA VAL C 70 -4.97 -3.91 47.84
C VAL C 70 -6.42 -3.94 47.35
N GLY C 71 -6.61 -3.98 46.03
CA GLY C 71 -7.96 -4.07 45.49
C GLY C 71 -8.68 -2.74 45.42
N THR C 72 -7.92 -1.65 45.24
CA THR C 72 -8.52 -0.32 45.16
C THR C 72 -8.97 0.02 43.75
N LEU C 73 -10.21 0.48 43.64
CA LEU C 73 -10.77 0.88 42.35
C LEU C 73 -10.32 2.27 41.97
N LEU C 74 -9.74 2.41 40.78
CA LEU C 74 -9.41 3.72 40.24
C LEU C 74 -10.45 4.12 39.22
N VAL C 75 -11.07 5.29 39.37
CA VAL C 75 -12.03 5.76 38.39
C VAL C 75 -11.58 7.13 37.83
N TRP C 76 -11.50 7.24 36.51
CA TRP C 76 -11.16 8.52 35.89
C TRP C 76 -12.45 9.25 35.53
N VAL C 77 -12.67 10.35 36.24
CA VAL C 77 -13.90 11.16 36.19
C VAL C 77 -13.65 12.62 35.84
N GLY C 78 -14.73 13.36 35.60
CA GLY C 78 -14.56 14.79 35.43
C GLY C 78 -14.64 15.40 36.82
N GLU C 79 -14.72 16.72 36.94
CA GLU C 79 -14.76 17.33 38.28
C GLU C 79 -15.97 16.83 39.07
N ALA C 80 -15.72 16.46 40.34
CA ALA C 80 -16.78 15.97 41.21
C ALA C 80 -17.58 14.83 40.57
N GLY C 81 -16.99 14.14 39.61
CA GLY C 81 -17.67 13.05 38.95
C GLY C 81 -18.79 13.44 37.99
N VAL C 82 -18.72 14.63 37.40
CA VAL C 82 -19.77 15.05 36.46
C VAL C 82 -19.70 14.28 35.15
N ARG C 83 -18.61 13.55 34.96
CA ARG C 83 -18.40 12.69 33.80
C ARG C 83 -17.64 11.46 34.26
N VAL C 84 -17.90 10.31 33.65
CA VAL C 84 -17.10 9.14 33.98
C VAL C 84 -16.37 8.77 32.69
N TYR C 85 -15.05 8.81 32.71
CA TYR C 85 -14.29 8.59 31.49
C TYR C 85 -13.71 7.19 31.39
N ALA C 86 -13.10 6.70 32.45
CA ALA C 86 -12.54 5.36 32.37
C ALA C 86 -12.55 4.72 33.75
N SER C 87 -12.40 3.40 33.79
CA SER C 87 -12.45 2.70 35.06
C SER C 87 -11.52 1.50 35.14
N GLY C 88 -10.84 1.33 36.27
CA GLY C 88 -10.09 0.10 36.47
C GLY C 88 -11.07 -1.05 36.59
N GLN C 89 -10.56 -2.28 36.69
CA GLN C 89 -11.41 -3.48 36.78
C GLN C 89 -12.63 -3.35 35.85
N PRO C 90 -12.39 -3.07 34.56
CA PRO C 90 -13.52 -2.75 33.69
C PRO C 90 -14.42 -3.94 33.46
N GLY C 91 -15.72 -3.69 33.45
CA GLY C 91 -16.72 -4.73 33.32
C GLY C 91 -17.05 -5.26 34.70
N GLY C 92 -16.49 -4.63 35.73
CA GLY C 92 -16.79 -4.99 37.10
C GLY C 92 -15.88 -6.02 37.73
N ALA C 93 -15.44 -5.72 38.94
CA ALA C 93 -14.52 -6.57 39.69
C ALA C 93 -15.16 -7.85 40.23
N ARG C 94 -16.38 -7.74 40.77
CA ARG C 94 -16.97 -8.88 41.47
C ARG C 94 -18.14 -9.59 40.78
N SER C 95 -17.98 -10.89 40.64
CA SER C 95 -18.96 -11.75 40.00
C SER C 95 -20.27 -11.76 40.75
N ASP C 96 -20.18 -11.85 42.08
CA ASP C 96 -21.37 -11.97 42.92
C ASP C 96 -22.26 -10.73 42.82
N LYS C 97 -21.65 -9.55 42.76
CA LYS C 97 -22.44 -8.34 42.64
C LYS C 97 -23.19 -8.30 41.30
N LEU C 98 -22.47 -8.57 40.22
CA LEU C 98 -23.07 -8.56 38.88
C LEU C 98 -24.17 -9.60 38.76
N LEU C 99 -23.94 -10.80 39.29
CA LEU C 99 -24.90 -11.89 39.19
C LEU C 99 -26.11 -11.65 40.08
N TYR C 100 -25.90 -10.93 41.17
CA TYR C 100 -26.98 -10.52 42.07
C TYR C 100 -27.91 -9.55 41.35
N GLN C 101 -27.32 -8.50 40.79
CA GLN C 101 -28.04 -7.50 40.01
C GLN C 101 -28.76 -8.16 38.83
N ALA C 102 -28.05 -9.06 38.16
CA ALA C 102 -28.59 -9.77 37.00
C ALA C 102 -29.77 -10.63 37.39
N LYS C 103 -29.65 -11.36 38.49
CA LYS C 103 -30.73 -12.20 38.95
C LYS C 103 -31.96 -11.36 39.26
N LEU C 104 -31.73 -10.20 39.89
CA LEU C 104 -32.84 -9.32 40.22
C LEU C 104 -33.51 -8.78 38.95
N ALA C 105 -32.72 -8.50 37.93
CA ALA C 105 -33.28 -7.93 36.70
C ALA C 105 -33.97 -8.97 35.81
N LEU C 106 -33.50 -10.21 35.86
CA LEU C 106 -34.00 -11.28 34.97
C LEU C 106 -35.31 -11.93 35.42
N ASP C 107 -35.61 -11.84 36.72
CA ASP C 107 -36.82 -12.41 37.28
C ASP C 107 -37.90 -11.34 37.42
N GLU C 108 -39.03 -11.53 36.75
CA GLU C 108 -40.05 -10.48 36.68
C GLU C 108 -40.62 -10.08 38.05
N ASP C 109 -40.71 -11.02 38.98
CA ASP C 109 -41.22 -10.70 40.31
C ASP C 109 -40.23 -9.85 41.09
N LEU C 110 -38.96 -10.23 41.01
CA LEU C 110 -37.92 -9.51 41.70
C LEU C 110 -37.80 -8.12 41.10
N ARG C 111 -37.84 -8.08 39.78
CA ARG C 111 -37.75 -6.83 39.03
C ARG C 111 -38.85 -5.90 39.48
N LEU C 112 -40.07 -6.43 39.59
CA LEU C 112 -41.20 -5.64 40.03
C LEU C 112 -40.96 -5.08 41.42
N LYS C 113 -40.43 -5.92 42.31
CA LYS C 113 -40.15 -5.48 43.68
C LYS C 113 -39.16 -4.29 43.69
N VAL C 114 -38.10 -4.42 42.91
CA VAL C 114 -37.07 -3.40 42.84
C VAL C 114 -37.62 -2.09 42.26
N VAL C 115 -38.40 -2.20 41.19
CA VAL C 115 -39.02 -1.03 40.58
C VAL C 115 -39.96 -0.34 41.58
N ARG C 116 -40.71 -1.12 42.34
CA ARG C 116 -41.59 -0.53 43.35
C ARG C 116 -40.79 0.25 44.39
N LYS C 117 -39.65 -0.30 44.79
CA LYS C 117 -38.79 0.40 45.74
C LYS C 117 -38.28 1.72 45.16
N MET C 118 -37.90 1.69 43.89
CA MET C 118 -37.45 2.89 43.19
C MET C 118 -38.54 3.96 43.17
N PHE C 119 -39.76 3.54 42.89
CA PHE C 119 -40.90 4.45 42.88
C PHE C 119 -41.05 5.09 44.26
N GLU C 120 -41.03 4.27 45.30
CA GLU C 120 -41.18 4.76 46.66
C GLU C 120 -40.10 5.78 47.04
N LEU C 121 -38.85 5.48 46.70
CA LEU C 121 -37.75 6.38 47.01
C LEU C 121 -37.84 7.70 46.24
N ARG C 122 -38.32 7.63 45.00
CA ARG C 122 -38.38 8.81 44.17
C ARG C 122 -39.55 9.74 44.54
N PHE C 123 -40.71 9.18 44.86
CA PHE C 123 -41.90 10.01 45.07
C PHE C 123 -42.40 10.05 46.51
N GLY C 124 -41.80 9.28 47.39
CA GLY C 124 -42.18 9.32 48.79
C GLY C 124 -43.51 8.66 49.11
N GLU C 125 -44.05 7.88 48.17
CA GLU C 125 -45.31 7.16 48.39
C GLU C 125 -45.24 5.76 47.82
N PRO C 126 -46.05 4.84 48.34
CA PRO C 126 -46.02 3.47 47.80
C PRO C 126 -46.52 3.42 46.37
N ALA C 127 -45.93 2.54 45.56
CA ALA C 127 -46.41 2.33 44.21
C ALA C 127 -47.74 1.59 44.24
N PRO C 128 -48.65 1.93 43.32
CA PRO C 128 -49.93 1.21 43.25
C PRO C 128 -49.72 -0.29 43.01
N ALA C 129 -50.41 -1.11 43.80
CA ALA C 129 -50.20 -2.56 43.79
C ALA C 129 -50.63 -3.26 42.50
N ARG C 130 -51.72 -2.83 41.90
CA ARG C 130 -52.25 -3.51 40.71
C ARG C 130 -51.54 -3.20 39.40
N ARG C 131 -50.43 -2.47 39.44
CA ARG C 131 -49.77 -2.13 38.19
C ARG C 131 -48.44 -2.84 38.00
N SER C 132 -48.21 -3.31 36.78
CA SER C 132 -46.93 -3.91 36.41
C SER C 132 -45.91 -2.81 36.15
N VAL C 133 -44.66 -3.18 35.92
CA VAL C 133 -43.61 -2.19 35.70
C VAL C 133 -43.93 -1.29 34.49
N GLU C 134 -44.38 -1.94 33.43
CA GLU C 134 -44.67 -1.27 32.18
C GLU C 134 -45.80 -0.27 32.44
N GLN C 135 -46.74 -0.65 33.30
CA GLN C 135 -47.83 0.24 33.68
C GLN C 135 -47.40 1.35 34.64
N LEU C 136 -46.38 1.09 35.46
CA LEU C 136 -45.87 2.09 36.41
C LEU C 136 -45.24 3.24 35.66
N ARG C 137 -44.75 2.93 34.48
CA ARG C 137 -44.12 3.96 33.68
C ARG C 137 -44.96 5.20 33.37
N GLY C 138 -46.21 5.00 32.99
CA GLY C 138 -47.08 6.11 32.63
C GLY C 138 -47.27 7.03 33.81
N ILE C 139 -47.42 6.45 34.99
CA ILE C 139 -47.56 7.20 36.23
C ILE C 139 -46.33 8.03 36.51
N GLU C 140 -45.16 7.39 36.40
CA GLU C 140 -43.93 8.11 36.65
C GLU C 140 -43.83 9.29 35.68
N GLY C 141 -44.16 9.05 34.42
CA GLY C 141 -44.10 10.10 33.41
C GLY C 141 -45.04 11.25 33.70
N SER C 142 -46.23 10.93 34.18
CA SER C 142 -47.21 11.94 34.53
C SER C 142 -46.69 12.83 35.64
N ARG C 143 -46.13 12.20 36.67
CA ARG C 143 -45.61 12.97 37.79
C ARG C 143 -44.44 13.83 37.37
N VAL C 144 -43.63 13.34 36.44
CA VAL C 144 -42.52 14.14 35.93
C VAL C 144 -43.04 15.38 35.18
N ARG C 145 -44.06 15.19 34.36
CA ARG C 145 -44.70 16.34 33.71
C ARG C 145 -45.19 17.38 34.73
N ALA C 146 -45.85 16.91 35.78
CA ALA C 146 -46.35 17.82 36.81
C ALA C 146 -45.23 18.58 37.52
N THR C 147 -44.13 17.88 37.79
CA THR C 147 -43.00 18.47 38.50
C THR C 147 -42.31 19.55 37.66
N TYR C 148 -42.10 19.25 36.38
CA TYR C 148 -41.54 20.26 35.48
C TYR C 148 -42.43 21.49 35.47
N ALA C 149 -43.75 21.26 35.41
CA ALA C 149 -44.68 22.38 35.40
C ALA C 149 -44.56 23.24 36.67
N LEU C 150 -44.52 22.59 37.82
CA LEU C 150 -44.45 23.34 39.08
C LEU C 150 -43.17 24.14 39.15
N LEU C 151 -42.05 23.50 38.81
CA LEU C 151 -40.76 24.20 38.82
C LEU C 151 -40.77 25.41 37.89
N ALA C 152 -41.37 25.25 36.72
CA ALA C 152 -41.45 26.33 35.75
C ALA C 152 -42.23 27.51 36.32
N LYS C 153 -43.33 27.22 37.00
CA LYS C 153 -44.15 28.28 37.59
C LYS C 153 -43.42 28.94 38.77
N GLN C 154 -42.69 28.13 39.52
CA GLN C 154 -41.96 28.56 40.71
C GLN C 154 -40.78 29.48 40.38
N TYR C 155 -40.02 29.15 39.34
CA TYR C 155 -38.87 29.96 38.94
C TYR C 155 -39.21 30.98 37.86
N GLY C 156 -40.48 31.01 37.46
CA GLY C 156 -40.94 31.94 36.44
C GLY C 156 -40.26 31.79 35.10
N VAL C 157 -40.26 30.55 34.60
CA VAL C 157 -39.67 30.23 33.30
C VAL C 157 -40.75 29.75 32.33
N THR C 158 -40.74 30.28 31.10
CA THR C 158 -41.70 29.83 30.10
C THR C 158 -41.47 28.37 29.75
N TRP C 159 -42.49 27.55 29.99
CA TRP C 159 -42.40 26.11 29.79
C TRP C 159 -43.59 25.57 29.00
N ASN C 160 -43.31 24.98 27.84
CA ASN C 160 -44.37 24.34 27.07
C ASN C 160 -44.12 22.84 26.99
N GLY C 161 -43.26 22.36 27.87
CA GLY C 161 -42.97 20.96 27.95
C GLY C 161 -41.51 20.67 27.66
N ARG C 162 -41.12 19.44 27.90
CA ARG C 162 -39.76 18.98 27.68
C ARG C 162 -39.49 18.68 26.21
N ARG C 163 -38.67 19.49 25.54
CA ARG C 163 -38.36 19.19 24.15
C ARG C 163 -36.88 19.30 23.88
N TYR C 164 -36.34 18.24 23.28
CA TYR C 164 -34.93 18.15 22.91
C TYR C 164 -34.71 17.30 21.67
N ASP C 165 -33.64 17.60 20.93
CA ASP C 165 -33.25 16.80 19.79
C ASP C 165 -31.97 16.04 20.12
N PRO C 166 -32.05 14.70 20.25
CA PRO C 166 -30.88 13.88 20.60
C PRO C 166 -29.72 14.07 19.62
N LYS C 167 -30.00 14.50 18.40
CA LYS C 167 -28.98 14.70 17.38
C LYS C 167 -28.55 16.16 17.18
N ASP C 168 -29.26 17.10 17.80
CA ASP C 168 -28.86 18.51 17.68
C ASP C 168 -29.18 19.29 18.95
N TRP C 169 -28.12 19.79 19.57
CA TRP C 169 -28.15 20.46 20.86
C TRP C 169 -28.68 21.90 20.79
N GLU C 170 -28.48 22.55 19.66
CA GLU C 170 -28.84 23.97 19.55
C GLU C 170 -30.31 24.23 19.23
N LYS C 171 -31.07 23.18 18.96
CA LYS C 171 -32.48 23.34 18.61
C LYS C 171 -33.36 23.67 19.80
N GLY C 172 -32.91 23.29 20.99
CA GLY C 172 -33.68 23.57 22.19
C GLY C 172 -33.58 25.00 22.68
N ASP C 173 -34.58 25.41 23.45
CA ASP C 173 -34.56 26.69 24.14
C ASP C 173 -33.64 26.55 25.35
N THR C 174 -33.37 27.67 26.04
CA THR C 174 -32.39 27.68 27.12
C THR C 174 -32.75 26.72 28.26
N ILE C 175 -34.02 26.65 28.65
CA ILE C 175 -34.39 25.78 29.77
C ILE C 175 -34.12 24.31 29.48
N ASN C 176 -34.47 23.83 28.29
CA ASN C 176 -34.27 22.42 27.95
C ASN C 176 -32.79 22.08 27.78
N GLN C 177 -32.05 23.06 27.28
CA GLN C 177 -30.60 22.96 27.14
C GLN C 177 -29.97 22.78 28.54
N CYS C 178 -30.39 23.62 29.46
CA CYS C 178 -29.92 23.58 30.84
C CYS C 178 -30.28 22.25 31.52
N ILE C 179 -31.53 21.81 31.34
CA ILE C 179 -31.96 20.55 31.92
C ILE C 179 -31.09 19.41 31.40
N SER C 180 -30.83 19.41 30.09
CA SER C 180 -30.01 18.38 29.49
C SER C 180 -28.60 18.38 30.09
N ALA C 181 -27.99 19.57 30.23
CA ALA C 181 -26.64 19.64 30.80
C ALA C 181 -26.63 19.08 32.24
N ALA C 182 -27.67 19.43 32.97
CA ALA C 182 -27.78 19.04 34.36
C ALA C 182 -27.89 17.52 34.50
N THR C 183 -28.83 16.93 33.77
CA THR C 183 -29.00 15.47 33.82
C THR C 183 -27.72 14.78 33.38
N SER C 184 -27.02 15.36 32.40
CA SER C 184 -25.74 14.81 31.96
C SER C 184 -24.76 14.66 33.14
N CYS C 185 -24.64 15.73 33.93
CA CYS C 185 -23.78 15.66 35.11
C CYS C 185 -24.26 14.59 36.09
N LEU C 186 -25.57 14.57 36.31
CA LEU C 186 -26.17 13.60 37.22
C LEU C 186 -25.82 12.16 36.82
N TYR C 187 -25.87 11.90 35.52
CA TYR C 187 -25.51 10.59 34.96
C TYR C 187 -24.05 10.32 35.25
N GLY C 188 -23.26 11.39 35.29
CA GLY C 188 -21.86 11.23 35.64
C GLY C 188 -21.68 10.69 37.05
N VAL C 189 -22.16 11.43 38.06
CA VAL C 189 -21.96 10.94 39.42
C VAL C 189 -22.66 9.64 39.72
N THR C 190 -23.82 9.43 39.11
CA THR C 190 -24.54 8.21 39.35
C THR C 190 -23.73 7.04 38.80
N GLU C 191 -23.18 7.20 37.60
CA GLU C 191 -22.39 6.11 37.03
C GLU C 191 -21.20 5.83 37.94
N ALA C 192 -20.55 6.90 38.41
CA ALA C 192 -19.44 6.76 39.34
C ALA C 192 -19.84 5.97 40.59
N ALA C 193 -21.01 6.29 41.12
CA ALA C 193 -21.51 5.62 42.32
C ALA C 193 -21.72 4.14 42.05
N ILE C 194 -22.44 3.84 40.96
CA ILE C 194 -22.70 2.47 40.54
C ILE C 194 -21.39 1.67 40.39
N LEU C 195 -20.37 2.28 39.80
CA LEU C 195 -19.06 1.63 39.67
C LEU C 195 -18.43 1.37 41.04
N ALA C 196 -18.46 2.37 41.92
CA ALA C 196 -17.89 2.22 43.25
C ALA C 196 -18.61 1.15 44.06
N ALA C 197 -19.91 1.01 43.85
CA ALA C 197 -20.69 0.01 44.57
C ALA C 197 -20.47 -1.38 43.98
N GLY C 198 -19.83 -1.45 42.82
CA GLY C 198 -19.52 -2.73 42.19
C GLY C 198 -20.60 -3.29 41.27
N TYR C 199 -21.51 -2.45 40.78
CA TYR C 199 -22.55 -2.94 39.91
C TYR C 199 -22.36 -2.51 38.47
N ALA C 200 -23.16 -3.06 37.57
CA ALA C 200 -23.05 -2.78 36.14
C ALA C 200 -24.05 -1.73 35.70
N PRO C 201 -23.55 -0.65 35.09
CA PRO C 201 -24.42 0.43 34.60
C PRO C 201 -25.48 -0.03 33.60
N ALA C 202 -25.23 -1.14 32.90
CA ALA C 202 -26.12 -1.55 31.82
C ALA C 202 -27.32 -2.41 32.25
N ILE C 203 -27.30 -2.93 33.47
CA ILE C 203 -28.40 -3.81 33.89
C ILE C 203 -29.44 -3.01 34.66
N GLY C 204 -30.52 -2.66 33.98
CA GLY C 204 -31.51 -1.78 34.56
C GLY C 204 -32.83 -2.46 34.83
N PHE C 205 -33.76 -1.69 35.38
CA PHE C 205 -35.02 -2.25 35.84
C PHE C 205 -36.20 -1.51 35.24
N VAL C 206 -36.21 -0.19 35.37
CA VAL C 206 -37.19 0.62 34.67
C VAL C 206 -36.71 0.82 33.23
N HIS C 207 -35.49 1.35 33.09
CA HIS C 207 -34.83 1.47 31.79
C HIS C 207 -34.10 0.17 31.47
N THR C 208 -34.27 -0.33 30.26
CA THR C 208 -33.56 -1.55 29.86
C THR C 208 -32.99 -1.42 28.45
N GLY C 209 -31.98 -2.24 28.15
CA GLY C 209 -31.48 -2.34 26.79
C GLY C 209 -30.40 -1.37 26.41
N LYS C 210 -30.22 -0.32 27.22
CA LYS C 210 -29.21 0.69 26.97
C LYS C 210 -27.98 0.39 27.80
N PRO C 211 -26.80 0.86 27.35
CA PRO C 211 -25.56 0.66 28.09
C PRO C 211 -25.52 1.32 29.46
N LEU C 212 -26.40 2.28 29.71
CA LEU C 212 -26.40 2.98 31.00
C LEU C 212 -27.75 2.87 31.71
N SER C 213 -28.51 1.84 31.38
CA SER C 213 -29.87 1.67 31.88
C SER C 213 -29.99 1.86 33.39
N PHE C 214 -29.13 1.21 34.15
CA PHE C 214 -29.17 1.32 35.59
C PHE C 214 -28.88 2.74 36.05
N VAL C 215 -27.97 3.41 35.35
CA VAL C 215 -27.64 4.79 35.68
C VAL C 215 -28.89 5.66 35.58
N TYR C 216 -29.63 5.50 34.50
CA TYR C 216 -30.90 6.23 34.32
C TYR C 216 -31.87 5.91 35.45
N ASP C 217 -32.00 4.62 35.77
CA ASP C 217 -32.86 4.21 36.88
C ASP C 217 -32.54 4.97 38.17
N ILE C 218 -31.29 4.89 38.61
CA ILE C 218 -30.89 5.49 39.87
C ILE C 218 -30.98 7.02 39.84
N ALA C 219 -30.47 7.63 38.77
CA ALA C 219 -30.47 9.08 38.65
C ALA C 219 -31.89 9.64 38.72
N ASP C 220 -32.84 8.95 38.09
CA ASP C 220 -34.22 9.42 38.10
C ASP C 220 -34.77 9.56 39.52
N ILE C 221 -34.23 8.79 40.45
CA ILE C 221 -34.68 8.82 41.84
C ILE C 221 -34.39 10.15 42.54
N ILE C 222 -33.25 10.76 42.25
CA ILE C 222 -32.85 11.99 42.94
C ILE C 222 -32.79 13.20 42.02
N LYS C 223 -33.16 13.00 40.76
CA LYS C 223 -33.01 14.02 39.74
C LYS C 223 -33.70 15.35 40.06
N PHE C 224 -34.85 15.32 40.69
CA PHE C 224 -35.62 16.54 40.92
C PHE C 224 -35.38 17.21 42.27
N ASP C 225 -34.56 16.62 43.13
CA ASP C 225 -34.26 17.20 44.44
C ASP C 225 -33.34 18.39 44.32
N THR C 226 -32.31 18.19 43.52
CA THR C 226 -31.16 19.05 43.48
C THR C 226 -31.04 19.75 42.13
N VAL C 227 -30.66 18.92 41.17
CA VAL C 227 -30.08 19.29 39.90
C VAL C 227 -31.03 20.00 38.92
N VAL C 228 -32.23 19.45 38.73
CA VAL C 228 -33.18 20.08 37.80
C VAL C 228 -33.61 21.47 38.30
N PRO C 229 -33.92 21.60 39.60
CA PRO C 229 -34.21 22.95 40.08
C PRO C 229 -33.09 23.95 39.74
N LYS C 230 -31.84 23.49 39.78
CA LYS C 230 -30.72 24.35 39.44
C LYS C 230 -30.70 24.67 37.96
N ALA C 231 -31.14 23.72 37.15
CA ALA C 231 -31.29 23.98 35.73
C ALA C 231 -32.26 25.14 35.53
N PHE C 232 -33.37 25.11 36.28
CA PHE C 232 -34.36 26.17 36.16
C PHE C 232 -33.88 27.51 36.68
N GLU C 233 -33.16 27.51 37.79
CA GLU C 233 -32.70 28.75 38.39
C GLU C 233 -31.72 29.45 37.44
N ILE C 234 -30.83 28.65 36.87
CA ILE C 234 -29.85 29.19 35.94
C ILE C 234 -30.50 29.63 34.63
N ALA C 235 -31.47 28.85 34.16
CA ALA C 235 -32.20 29.22 32.96
C ALA C 235 -32.90 30.56 33.16
N ARG C 236 -33.48 30.75 34.34
CA ARG C 236 -34.12 32.01 34.72
C ARG C 236 -33.12 33.15 34.70
N ARG C 237 -31.91 32.86 35.15
CA ARG C 237 -30.89 33.91 35.21
C ARG C 237 -30.40 34.31 33.81
N ASN C 238 -30.64 33.41 32.85
CA ASN C 238 -30.27 33.61 31.45
C ASN C 238 -28.85 34.14 31.21
N PRO C 239 -27.83 33.35 31.58
CA PRO C 239 -26.43 33.74 31.47
C PRO C 239 -25.87 33.54 30.06
N GLY C 240 -24.63 33.97 29.83
CA GLY C 240 -23.97 33.80 28.55
C GLY C 240 -23.78 32.36 28.12
N GLU C 241 -23.13 31.55 28.95
CA GLU C 241 -22.98 30.13 28.65
C GLU C 241 -23.75 29.30 29.66
N PRO C 242 -25.06 29.10 29.43
CA PRO C 242 -25.88 28.45 30.46
C PRO C 242 -25.55 26.98 30.71
N ASP C 243 -25.15 26.24 29.69
CA ASP C 243 -24.82 24.82 29.85
C ASP C 243 -23.61 24.67 30.77
N ARG C 244 -22.62 25.52 30.55
CA ARG C 244 -21.39 25.48 31.32
C ARG C 244 -21.59 25.94 32.77
N GLU C 245 -22.52 26.87 32.96
CA GLU C 245 -22.87 27.33 34.30
C GLU C 245 -23.59 26.23 35.05
N VAL C 246 -24.42 25.50 34.33
CA VAL C 246 -25.14 24.38 34.92
C VAL C 246 -24.17 23.30 35.34
N ARG C 247 -23.22 22.95 34.45
CA ARG C 247 -22.24 21.94 34.82
C ARG C 247 -21.46 22.34 36.08
N LEU C 248 -20.97 23.58 36.12
CA LEU C 248 -20.21 24.03 37.29
C LEU C 248 -21.07 23.98 38.57
N ALA C 249 -22.31 24.42 38.45
CA ALA C 249 -23.23 24.42 39.60
C ALA C 249 -23.46 22.99 40.10
N CYS C 250 -23.63 22.05 39.16
CA CYS C 250 -23.82 20.65 39.54
C CYS C 250 -22.58 20.10 40.22
N ARG C 251 -21.41 20.51 39.74
CA ARG C 251 -20.15 20.15 40.37
C ARG C 251 -20.17 20.58 41.83
N ASP C 252 -20.49 21.85 42.06
CA ASP C 252 -20.50 22.40 43.40
C ASP C 252 -21.52 21.69 44.30
N ILE C 253 -22.68 21.39 43.74
CA ILE C 253 -23.70 20.66 44.46
C ILE C 253 -23.20 19.28 44.88
N PHE C 254 -22.62 18.55 43.93
CA PHE C 254 -22.14 17.21 44.22
C PHE C 254 -21.10 17.25 45.34
N ARG C 255 -20.26 18.28 45.34
CA ARG C 255 -19.24 18.36 46.39
C ARG C 255 -19.86 18.67 47.75
N SER C 256 -20.65 19.74 47.84
CA SER C 256 -21.20 20.17 49.13
C SER C 256 -22.25 19.23 49.71
N SER C 257 -22.97 18.51 48.86
CA SER C 257 -24.05 17.61 49.29
C SER C 257 -23.65 16.15 49.43
N LYS C 258 -22.42 15.83 49.01
CA LYS C 258 -21.89 14.47 49.09
C LYS C 258 -22.79 13.49 48.35
N THR C 259 -23.21 13.86 47.14
CA THR C 259 -24.15 13.08 46.35
C THR C 259 -23.69 11.66 46.05
N LEU C 260 -22.43 11.53 45.67
CA LEU C 260 -21.87 10.23 45.36
C LEU C 260 -21.91 9.32 46.58
N ALA C 261 -21.54 9.85 47.74
CA ALA C 261 -21.51 9.04 48.96
C ALA C 261 -22.90 8.62 49.40
N LYS C 262 -23.91 9.42 49.07
CA LYS C 262 -25.26 9.12 49.50
C LYS C 262 -25.92 8.15 48.51
N LEU C 263 -25.43 8.15 47.27
CA LEU C 263 -26.02 7.32 46.22
C LEU C 263 -25.78 5.83 46.47
N ILE C 264 -24.62 5.49 46.99
CA ILE C 264 -24.21 4.10 47.16
C ILE C 264 -25.11 3.29 48.12
N PRO C 265 -25.41 3.84 49.33
CA PRO C 265 -26.37 3.11 50.18
C PRO C 265 -27.74 3.03 49.54
N LEU C 266 -28.10 4.04 48.76
CA LEU C 266 -29.39 4.06 48.08
C LEU C 266 -29.44 2.94 47.03
N ILE C 267 -28.35 2.78 46.28
CA ILE C 267 -28.27 1.72 45.29
C ILE C 267 -28.42 0.36 45.97
N GLU C 268 -27.71 0.18 47.07
CA GLU C 268 -27.79 -1.07 47.81
C GLU C 268 -29.21 -1.34 48.34
N ASP C 269 -29.89 -0.28 48.77
CA ASP C 269 -31.23 -0.39 49.33
C ASP C 269 -32.23 -0.79 48.24
N VAL C 270 -32.08 -0.13 47.09
CA VAL C 270 -32.90 -0.38 45.92
C VAL C 270 -32.80 -1.86 45.54
N LEU C 271 -31.58 -2.37 45.42
CA LEU C 271 -31.43 -3.78 45.06
C LEU C 271 -31.88 -4.70 46.19
N ALA C 272 -31.72 -4.27 47.44
CA ALA C 272 -32.08 -5.11 48.58
C ALA C 272 -33.57 -5.37 48.61
N ALA C 273 -34.33 -4.49 47.96
CA ALA C 273 -35.78 -4.65 47.95
C ALA C 273 -36.24 -5.94 47.26
N GLY C 274 -35.35 -6.57 46.49
CA GLY C 274 -35.64 -7.84 45.87
C GLY C 274 -35.83 -8.96 46.89
N GLU C 275 -35.40 -8.70 48.12
CA GLU C 275 -35.53 -9.63 49.25
C GLU C 275 -34.80 -10.94 48.98
N ILE C 276 -33.64 -10.81 48.34
CA ILE C 276 -32.68 -11.89 48.13
C ILE C 276 -31.40 -11.55 48.89
N GLN C 277 -30.70 -12.56 49.40
CA GLN C 277 -29.50 -12.33 50.20
C GLN C 277 -28.44 -11.58 49.39
N PRO C 278 -28.03 -10.40 49.88
CA PRO C 278 -26.99 -9.59 49.24
C PRO C 278 -25.61 -10.24 49.32
N PRO C 279 -24.68 -9.83 48.45
CA PRO C 279 -23.31 -10.32 48.51
C PRO C 279 -22.60 -9.82 49.77
N ALA C 280 -21.68 -10.61 50.31
CA ALA C 280 -20.96 -10.24 51.54
C ALA C 280 -20.22 -8.91 51.42
N THR D 1 -15.06 22.03 13.34
CA THR D 1 -15.21 22.27 14.76
C THR D 1 -14.85 21.06 15.63
N TRP D 2 -15.79 20.14 15.79
CA TRP D 2 -15.56 18.94 16.59
C TRP D 2 -16.35 17.74 16.10
N LEU D 3 -15.64 16.64 15.96
CA LEU D 3 -16.23 15.43 15.49
C LEU D 3 -16.04 14.32 16.49
N PRO D 4 -17.04 13.51 16.64
CA PRO D 4 -16.94 12.39 17.59
C PRO D 4 -15.88 11.38 17.17
N LEU D 5 -15.33 10.72 18.17
CA LEU D 5 -14.24 9.77 18.02
C LEU D 5 -14.71 8.38 18.43
N ASN D 6 -14.79 7.44 17.49
CA ASN D 6 -15.34 6.11 17.78
C ASN D 6 -14.36 4.97 17.55
N PRO D 7 -14.49 3.91 18.36
CA PRO D 7 -13.60 2.74 18.26
C PRO D 7 -13.73 2.03 16.91
N ILE D 8 -12.61 1.57 16.36
CA ILE D 8 -12.65 0.77 15.14
C ILE D 8 -12.71 -0.70 15.56
N PRO D 9 -13.22 -1.57 14.67
CA PRO D 9 -13.33 -3.01 14.97
C PRO D 9 -12.03 -3.61 15.48
N LEU D 10 -12.13 -4.55 16.41
CA LEU D 10 -10.97 -5.19 17.02
C LEU D 10 -10.09 -5.93 16.01
N LYS D 11 -10.72 -6.64 15.08
CA LYS D 11 -9.97 -7.43 14.09
C LYS D 11 -9.10 -6.56 13.18
N ASP D 12 -9.45 -5.27 13.09
CA ASP D 12 -8.73 -4.36 12.22
C ASP D 12 -7.49 -3.77 12.88
N ARG D 13 -7.16 -4.25 14.08
CA ARG D 13 -6.12 -3.59 14.87
C ARG D 13 -4.85 -4.42 15.04
N VAL D 14 -3.74 -3.72 15.28
CA VAL D 14 -2.53 -4.35 15.75
C VAL D 14 -2.88 -4.86 17.16
N SER D 15 -2.33 -6.00 17.56
CA SER D 15 -2.77 -6.64 18.79
C SER D 15 -2.32 -5.89 20.02
N MET D 16 -1.02 -5.67 20.16
CA MET D 16 -0.58 -4.98 21.36
C MET D 16 0.72 -4.19 21.18
N ILE D 17 0.94 -3.27 22.11
CA ILE D 17 2.12 -2.43 22.08
C ILE D 17 2.66 -2.26 23.49
N PHE D 18 3.97 -2.33 23.66
CA PHE D 18 4.56 -2.20 24.99
C PHE D 18 5.24 -0.87 25.21
N LEU D 19 4.84 -0.16 26.26
CA LEU D 19 5.42 1.13 26.58
C LEU D 19 6.12 1.10 27.94
N GLN D 20 7.29 1.72 28.04
CA GLN D 20 8.00 1.75 29.33
C GLN D 20 8.81 3.02 29.51
N TYR D 21 8.94 3.46 30.76
CA TYR D 21 9.81 4.58 31.14
C TYR D 21 9.62 5.83 30.32
N GLY D 22 8.54 6.54 30.64
CA GLY D 22 8.25 7.82 30.03
C GLY D 22 6.88 8.27 30.50
N GLN D 23 6.54 9.52 30.25
CA GLN D 23 5.21 9.98 30.63
C GLN D 23 4.34 9.98 29.39
N ILE D 24 3.13 9.44 29.55
CA ILE D 24 2.16 9.42 28.48
C ILE D 24 1.24 10.63 28.59
N ASP D 25 1.15 11.40 27.50
CA ASP D 25 0.35 12.59 27.47
C ASP D 25 -0.54 12.60 26.24
N VAL D 26 -1.37 13.64 26.16
CA VAL D 26 -2.14 13.89 24.97
C VAL D 26 -1.64 15.20 24.42
N ILE D 27 -1.29 15.20 23.14
CA ILE D 27 -0.89 16.43 22.48
C ILE D 27 -1.76 16.59 21.26
N ASP D 28 -2.53 17.69 21.24
CA ASP D 28 -3.45 17.97 20.15
C ASP D 28 -4.35 16.75 19.87
N GLY D 29 -4.80 16.12 20.95
CA GLY D 29 -5.72 15.01 20.84
C GLY D 29 -5.09 13.71 20.39
N ALA D 30 -3.78 13.58 20.53
CA ALA D 30 -3.10 12.33 20.17
C ALA D 30 -2.32 11.75 21.35
N PHE D 31 -2.24 10.42 21.38
CA PHE D 31 -1.51 9.70 22.42
C PHE D 31 -0.02 9.82 22.19
N VAL D 32 0.75 10.17 23.22
CA VAL D 32 2.17 10.45 22.98
C VAL D 32 3.00 10.02 24.19
N LEU D 33 4.10 9.31 23.95
CA LEU D 33 5.03 8.93 25.01
C LEU D 33 6.27 9.79 24.99
N ILE D 34 6.65 10.36 26.13
CA ILE D 34 7.83 11.23 26.19
C ILE D 34 8.85 10.64 27.15
N ASP D 35 10.10 10.49 26.72
CA ASP D 35 11.07 9.85 27.59
C ASP D 35 11.87 10.89 28.36
N LYS D 36 12.82 10.42 29.16
CA LYS D 36 13.60 11.29 30.04
C LYS D 36 14.34 12.42 29.32
N THR D 37 14.62 12.23 28.04
CA THR D 37 15.37 13.23 27.26
C THR D 37 14.50 14.19 26.43
N GLY D 38 13.18 13.97 26.44
CA GLY D 38 12.30 14.88 25.72
C GLY D 38 11.82 14.38 24.38
N ILE D 39 12.27 13.19 23.98
CA ILE D 39 11.91 12.62 22.69
C ILE D 39 10.45 12.19 22.67
N ARG D 40 9.67 12.75 21.74
CA ARG D 40 8.28 12.36 21.64
C ARG D 40 8.12 11.17 20.69
N THR D 41 7.32 10.20 21.11
CA THR D 41 7.01 9.03 20.31
C THR D 41 5.51 8.98 20.20
N HIS D 42 4.99 8.93 18.98
CA HIS D 42 3.57 8.93 18.77
C HIS D 42 3.03 7.51 18.64
N ILE D 43 1.94 7.24 19.36
CA ILE D 43 1.35 5.91 19.40
C ILE D 43 -0.06 5.95 18.78
N PRO D 44 -0.25 5.26 17.65
CA PRO D 44 -1.59 5.16 17.05
C PRO D 44 -2.51 4.35 17.95
N VAL D 45 -2.94 4.95 19.05
CA VAL D 45 -3.67 4.23 20.09
C VAL D 45 -4.97 3.61 19.57
N GLY D 46 -5.59 4.23 18.58
CA GLY D 46 -6.85 3.69 18.07
C GLY D 46 -6.64 2.45 17.21
N SER D 47 -5.40 2.21 16.79
CA SER D 47 -5.04 1.12 15.90
C SER D 47 -4.57 -0.13 16.65
N VAL D 48 -4.54 -0.03 17.97
CA VAL D 48 -4.08 -1.11 18.81
C VAL D 48 -5.22 -1.65 19.64
N ALA D 49 -5.22 -2.95 19.86
CA ALA D 49 -6.24 -3.52 20.71
C ALA D 49 -5.85 -3.34 22.16
N CYS D 50 -4.55 -3.30 22.40
CA CYS D 50 -4.08 -3.41 23.77
C CYS D 50 -2.78 -2.63 23.98
N ILE D 51 -2.75 -1.74 24.96
CA ILE D 51 -1.51 -1.05 25.32
C ILE D 51 -1.04 -1.49 26.71
N MET D 52 0.18 -2.01 26.74
CA MET D 52 0.77 -2.58 27.95
C MET D 52 1.73 -1.59 28.59
N LEU D 53 1.42 -1.15 29.80
CA LEU D 53 2.22 -0.14 30.48
C LEU D 53 3.19 -0.77 31.48
N GLU D 54 4.48 -0.68 31.18
CA GLU D 54 5.52 -1.27 32.04
C GLU D 54 5.98 -0.29 33.11
N PRO D 55 6.74 -0.76 34.11
CA PRO D 55 7.22 0.16 35.16
C PRO D 55 7.92 1.40 34.60
N GLY D 56 7.71 2.52 35.28
CA GLY D 56 8.31 3.79 34.89
C GLY D 56 7.43 4.61 33.96
N THR D 57 6.21 4.13 33.68
CA THR D 57 5.30 4.92 32.85
C THR D 57 4.45 5.76 33.77
N ARG D 58 4.05 6.93 33.31
CA ARG D 58 3.20 7.82 34.11
C ARG D 58 2.15 8.38 33.16
N VAL D 59 0.90 8.02 33.41
CA VAL D 59 -0.16 8.30 32.46
C VAL D 59 -1.04 9.45 32.91
N SER D 60 -1.23 10.41 32.01
CA SER D 60 -2.10 11.52 32.33
C SER D 60 -3.56 11.10 32.24
N HIS D 61 -4.40 11.82 32.96
CA HIS D 61 -5.85 11.67 32.92
C HIS D 61 -6.38 11.70 31.47
N ALA D 62 -5.92 12.70 30.71
CA ALA D 62 -6.34 12.86 29.32
C ALA D 62 -6.02 11.63 28.49
N ALA D 63 -4.87 11.01 28.74
CA ALA D 63 -4.48 9.85 27.97
C ALA D 63 -5.38 8.64 28.27
N VAL D 64 -5.70 8.43 29.54
CA VAL D 64 -6.55 7.31 29.93
C VAL D 64 -7.95 7.49 29.35
N ARG D 65 -8.41 8.73 29.40
CA ARG D 65 -9.67 9.11 28.77
C ARG D 65 -9.67 8.80 27.28
N LEU D 66 -8.57 9.15 26.61
CA LEU D 66 -8.46 8.97 25.17
C LEU D 66 -8.48 7.49 24.81
N ALA D 67 -7.70 6.71 25.54
CA ALA D 67 -7.65 5.28 25.31
C ALA D 67 -9.04 4.69 25.45
N ALA D 68 -9.78 5.11 26.48
CA ALA D 68 -11.13 4.58 26.66
C ALA D 68 -12.03 5.00 25.49
N GLN D 69 -11.86 6.23 25.01
CA GLN D 69 -12.70 6.73 23.93
C GLN D 69 -12.52 5.94 22.64
N VAL D 70 -11.29 5.51 22.35
CA VAL D 70 -11.06 4.80 21.10
C VAL D 70 -11.22 3.29 21.30
N GLY D 71 -11.45 2.90 22.56
CA GLY D 71 -11.73 1.51 22.88
C GLY D 71 -10.48 0.66 22.97
N THR D 72 -9.37 1.29 23.27
CA THR D 72 -8.12 0.59 23.46
C THR D 72 -7.95 0.29 24.95
N LEU D 73 -7.68 -0.97 25.27
CA LEU D 73 -7.53 -1.37 26.66
C LEU D 73 -6.15 -1.00 27.20
N LEU D 74 -6.09 -0.36 28.36
CA LEU D 74 -4.78 -0.14 28.96
C LEU D 74 -4.51 -1.24 29.96
N VAL D 75 -3.37 -1.91 29.83
CA VAL D 75 -2.99 -2.96 30.78
C VAL D 75 -1.67 -2.65 31.45
N TRP D 76 -1.68 -2.63 32.78
CA TRP D 76 -0.47 -2.44 33.58
C TRP D 76 0.11 -3.80 33.93
N VAL D 77 1.36 -4.02 33.50
CA VAL D 77 2.04 -5.28 33.73
C VAL D 77 3.23 -5.06 34.67
N GLY D 78 3.48 -6.06 35.50
CA GLY D 78 4.60 -6.09 36.42
C GLY D 78 5.80 -6.89 35.96
N GLU D 79 6.48 -7.42 36.97
CA GLU D 79 7.60 -8.32 36.80
C GLU D 79 7.16 -9.59 36.06
N ALA D 80 8.04 -10.06 35.18
CA ALA D 80 7.80 -11.20 34.29
C ALA D 80 6.60 -10.95 33.38
N GLY D 81 6.24 -9.68 33.25
CA GLY D 81 5.19 -9.24 32.37
C GLY D 81 3.79 -9.70 32.71
N VAL D 82 3.53 -10.04 33.97
CA VAL D 82 2.20 -10.50 34.36
C VAL D 82 1.21 -9.33 34.41
N ARG D 83 0.00 -9.58 33.94
CA ARG D 83 -1.04 -8.56 34.01
C ARG D 83 -1.32 -8.22 35.45
N VAL D 84 -1.39 -6.93 35.74
CA VAL D 84 -1.63 -6.46 37.10
C VAL D 84 -2.90 -5.61 37.21
N TYR D 85 -3.22 -4.87 36.15
CA TYR D 85 -4.39 -3.99 36.23
C TYR D 85 -4.82 -3.62 34.83
N ALA D 86 -6.06 -3.15 34.68
CA ALA D 86 -6.52 -2.76 33.37
C ALA D 86 -7.48 -1.62 33.49
N SER D 87 -7.65 -0.89 32.39
CA SER D 87 -8.48 0.29 32.36
C SER D 87 -9.20 0.35 31.02
N GLY D 88 -10.50 0.64 31.10
CA GLY D 88 -11.33 0.77 29.94
C GLY D 88 -12.63 1.52 30.23
N GLN D 89 -13.44 1.70 29.19
CA GLN D 89 -14.71 2.39 29.32
C GLN D 89 -15.71 1.52 30.08
N PRO D 90 -16.24 2.05 31.19
CA PRO D 90 -17.13 1.33 32.12
C PRO D 90 -18.50 1.09 31.49
N GLY D 91 -18.97 2.07 30.74
CA GLY D 91 -20.27 2.04 30.09
C GLY D 91 -20.26 1.34 28.75
N GLY D 92 -19.18 0.63 28.46
CA GLY D 92 -19.05 -0.11 27.22
C GLY D 92 -19.94 -1.33 27.03
N ALA D 93 -20.32 -1.98 28.13
CA ALA D 93 -21.09 -3.21 28.04
C ALA D 93 -22.52 -2.97 27.53
N ARG D 94 -23.07 -4.01 26.90
CA ARG D 94 -24.39 -3.98 26.27
C ARG D 94 -25.38 -4.82 27.07
N SER D 95 -26.58 -4.30 27.33
CA SER D 95 -27.55 -4.98 28.18
C SER D 95 -27.91 -6.38 27.72
N ASP D 96 -28.20 -6.53 26.43
CA ASP D 96 -28.61 -7.82 25.90
C ASP D 96 -27.48 -8.84 26.02
N LYS D 97 -26.26 -8.40 25.75
CA LYS D 97 -25.10 -9.28 25.85
C LYS D 97 -24.82 -9.70 27.30
N LEU D 98 -24.83 -8.72 28.20
CA LEU D 98 -24.60 -8.97 29.61
C LEU D 98 -25.64 -9.89 30.22
N LEU D 99 -26.91 -9.64 29.92
CA LEU D 99 -27.99 -10.44 30.47
C LEU D 99 -28.03 -11.83 29.85
N TYR D 100 -27.60 -11.93 28.60
CA TYR D 100 -27.48 -13.22 27.93
C TYR D 100 -26.45 -14.08 28.65
N GLN D 101 -25.27 -13.49 28.83
CA GLN D 101 -24.17 -14.15 29.53
C GLN D 101 -24.57 -14.53 30.96
N ALA D 102 -25.20 -13.60 31.66
CA ALA D 102 -25.63 -13.83 33.02
C ALA D 102 -26.65 -14.98 33.08
N LYS D 103 -27.61 -14.96 32.17
CA LYS D 103 -28.64 -16.00 32.13
C LYS D 103 -28.00 -17.36 31.90
N LEU D 104 -27.01 -17.41 31.01
CA LEU D 104 -26.31 -18.67 30.75
C LEU D 104 -25.51 -19.14 31.97
N ALA D 105 -24.92 -18.19 32.70
CA ALA D 105 -24.08 -18.53 33.86
C ALA D 105 -24.87 -18.92 35.12
N LEU D 106 -26.06 -18.34 35.29
CA LEU D 106 -26.85 -18.54 36.51
C LEU D 106 -27.56 -19.88 36.53
N ASP D 107 -27.78 -20.43 35.35
CA ASP D 107 -28.49 -21.69 35.21
C ASP D 107 -27.49 -22.83 35.07
N GLU D 108 -27.50 -23.76 36.01
CA GLU D 108 -26.50 -24.83 36.03
C GLU D 108 -26.52 -25.75 34.81
N ASP D 109 -27.69 -25.96 34.23
CA ASP D 109 -27.80 -26.80 33.04
C ASP D 109 -27.25 -26.09 31.80
N LEU D 110 -27.57 -24.81 31.67
CA LEU D 110 -27.07 -24.02 30.56
C LEU D 110 -25.56 -23.87 30.71
N ARG D 111 -25.14 -23.62 31.93
CA ARG D 111 -23.73 -23.51 32.25
C ARG D 111 -23.00 -24.78 31.85
N LEU D 112 -23.59 -25.93 32.17
CA LEU D 112 -22.96 -27.18 31.79
C LEU D 112 -22.82 -27.26 30.28
N LYS D 113 -23.86 -26.86 29.55
CA LYS D 113 -23.77 -26.90 28.09
C LYS D 113 -22.62 -26.04 27.57
N VAL D 114 -22.48 -24.83 28.12
CA VAL D 114 -21.40 -23.93 27.70
C VAL D 114 -20.01 -24.55 28.02
N VAL D 115 -19.89 -25.13 29.21
CA VAL D 115 -18.65 -25.77 29.61
C VAL D 115 -18.28 -26.91 28.67
N ARG D 116 -19.27 -27.70 28.29
CA ARG D 116 -19.06 -28.81 27.36
C ARG D 116 -18.57 -28.28 26.01
N LYS D 117 -19.15 -27.17 25.57
CA LYS D 117 -18.72 -26.58 24.31
C LYS D 117 -17.26 -26.12 24.39
N MET D 118 -16.90 -25.52 25.52
CA MET D 118 -15.52 -25.08 25.72
C MET D 118 -14.57 -26.27 25.63
N PHE D 119 -14.95 -27.36 26.28
CA PHE D 119 -14.16 -28.57 26.27
C PHE D 119 -13.95 -29.08 24.85
N GLU D 120 -15.04 -29.20 24.10
CA GLU D 120 -14.96 -29.73 22.74
C GLU D 120 -14.10 -28.82 21.85
N LEU D 121 -14.25 -27.50 21.99
CA LEU D 121 -13.43 -26.59 21.20
C LEU D 121 -11.95 -26.68 21.55
N ARG D 122 -11.67 -26.91 22.83
CA ARG D 122 -10.30 -26.94 23.31
C ARG D 122 -9.56 -28.23 22.97
N PHE D 123 -10.24 -29.36 23.03
CA PHE D 123 -9.57 -30.65 22.89
C PHE D 123 -9.92 -31.37 21.60
N GLY D 124 -10.82 -30.78 20.82
CA GLY D 124 -11.18 -31.30 19.51
C GLY D 124 -12.05 -32.53 19.52
N GLU D 125 -12.57 -32.89 20.68
CA GLU D 125 -13.50 -34.01 20.79
C GLU D 125 -14.53 -33.71 21.87
N PRO D 126 -15.71 -34.36 21.78
CA PRO D 126 -16.72 -34.17 22.83
C PRO D 126 -16.29 -34.72 24.19
N ALA D 127 -16.73 -34.05 25.26
CA ALA D 127 -16.52 -34.53 26.61
C ALA D 127 -17.39 -35.75 26.87
N PRO D 128 -16.91 -36.69 27.70
CA PRO D 128 -17.70 -37.89 28.06
C PRO D 128 -19.04 -37.49 28.66
N ALA D 129 -20.09 -38.20 28.26
CA ALA D 129 -21.47 -37.84 28.61
C ALA D 129 -21.84 -37.85 30.09
N ARG D 130 -22.80 -36.99 30.44
CA ARG D 130 -23.36 -36.90 31.79
C ARG D 130 -22.32 -36.71 32.88
N ARG D 131 -21.36 -35.83 32.61
CA ARG D 131 -20.31 -35.50 33.56
C ARG D 131 -20.65 -34.10 34.09
N SER D 132 -20.45 -33.88 35.38
CA SER D 132 -20.69 -32.56 35.96
C SER D 132 -19.58 -31.59 35.60
N VAL D 133 -19.75 -30.33 35.97
CA VAL D 133 -18.75 -29.31 35.69
C VAL D 133 -17.42 -29.67 36.36
N GLU D 134 -17.47 -30.08 37.63
CA GLU D 134 -16.27 -30.40 38.38
C GLU D 134 -15.53 -31.62 37.81
N GLN D 135 -16.29 -32.58 37.32
CA GLN D 135 -15.67 -33.77 36.75
C GLN D 135 -14.96 -33.39 35.46
N LEU D 136 -15.55 -32.46 34.74
CA LEU D 136 -14.97 -32.00 33.48
C LEU D 136 -13.72 -31.22 33.79
N ARG D 137 -13.74 -30.46 34.89
CA ARG D 137 -12.57 -29.71 35.32
C ARG D 137 -11.41 -30.67 35.58
N GLY D 138 -11.69 -31.78 36.26
CA GLY D 138 -10.64 -32.76 36.53
C GLY D 138 -10.05 -33.38 35.27
N ILE D 139 -10.93 -33.70 34.31
CA ILE D 139 -10.46 -34.25 33.04
C ILE D 139 -9.56 -33.24 32.32
N GLU D 140 -10.03 -32.00 32.28
CA GLU D 140 -9.29 -30.92 31.64
C GLU D 140 -7.91 -30.78 32.28
N GLY D 141 -7.85 -30.78 33.61
CA GLY D 141 -6.59 -30.61 34.32
C GLY D 141 -5.61 -31.72 33.98
N SER D 142 -6.14 -32.94 33.90
CA SER D 142 -5.31 -34.09 33.56
C SER D 142 -4.70 -33.91 32.17
N ARG D 143 -5.54 -33.51 31.21
CA ARG D 143 -5.04 -33.36 29.85
C ARG D 143 -4.00 -32.24 29.76
N VAL D 144 -4.21 -31.19 30.55
CA VAL D 144 -3.27 -30.09 30.55
C VAL D 144 -1.90 -30.52 31.09
N ARG D 145 -1.87 -31.28 32.18
CA ARG D 145 -0.57 -31.80 32.61
C ARG D 145 0.11 -32.63 31.54
N ALA D 146 -0.69 -33.47 30.88
CA ALA D 146 -0.11 -34.30 29.83
C ALA D 146 0.51 -33.39 28.76
N THR D 147 -0.16 -32.29 28.44
CA THR D 147 0.31 -31.39 27.40
C THR D 147 1.62 -30.70 27.80
N TYR D 148 1.69 -30.26 29.05
CA TYR D 148 2.93 -29.66 29.54
C TYR D 148 4.09 -30.65 29.43
N ALA D 149 3.84 -31.89 29.84
CA ALA D 149 4.89 -32.91 29.77
C ALA D 149 5.36 -33.12 28.34
N LEU D 150 4.41 -33.21 27.42
CA LEU D 150 4.71 -33.45 26.01
C LEU D 150 5.53 -32.30 25.42
N LEU D 151 5.10 -31.07 25.67
CA LEU D 151 5.80 -29.89 25.18
C LEU D 151 7.23 -29.84 25.73
N ALA D 152 7.35 -30.16 27.01
CA ALA D 152 8.64 -30.16 27.68
C ALA D 152 9.60 -31.15 27.04
N LYS D 153 9.12 -32.35 26.74
CA LYS D 153 9.99 -33.34 26.15
C LYS D 153 10.32 -32.98 24.69
N GLN D 154 9.36 -32.41 23.97
CA GLN D 154 9.60 -32.04 22.57
C GLN D 154 10.61 -30.91 22.42
N TYR D 155 10.53 -29.89 23.27
CA TYR D 155 11.44 -28.77 23.14
C TYR D 155 12.68 -28.98 24.01
N GLY D 156 12.72 -30.13 24.67
CA GLY D 156 13.84 -30.48 25.53
C GLY D 156 14.04 -29.49 26.66
N VAL D 157 12.96 -29.21 27.37
CA VAL D 157 13.01 -28.30 28.50
C VAL D 157 12.70 -29.09 29.78
N THR D 158 13.52 -28.88 30.79
CA THR D 158 13.28 -29.46 32.10
C THR D 158 12.03 -28.84 32.69
N TRP D 159 11.07 -29.68 33.06
CA TRP D 159 9.78 -29.22 33.57
C TRP D 159 9.55 -29.80 34.96
N ASN D 160 9.49 -28.90 35.94
CA ASN D 160 9.25 -29.28 37.32
C ASN D 160 7.91 -28.78 37.81
N GLY D 161 7.03 -28.42 36.88
CA GLY D 161 5.69 -28.06 37.24
C GLY D 161 5.41 -26.59 37.00
N ARG D 162 4.15 -26.20 37.07
CA ARG D 162 3.81 -24.80 36.95
C ARG D 162 3.95 -24.19 38.35
N ARG D 163 5.03 -23.44 38.55
CA ARG D 163 5.33 -22.80 39.82
C ARG D 163 5.90 -21.39 39.68
N TYR D 164 5.39 -20.49 40.51
CA TYR D 164 5.91 -19.12 40.58
C TYR D 164 5.81 -18.62 42.01
N ASP D 165 6.68 -17.68 42.36
CA ASP D 165 6.66 -17.09 43.70
C ASP D 165 6.16 -15.65 43.60
N PRO D 166 4.95 -15.41 44.14
CA PRO D 166 4.28 -14.10 44.14
C PRO D 166 5.11 -12.99 44.76
N LYS D 167 6.07 -13.34 45.61
CA LYS D 167 6.86 -12.34 46.32
C LYS D 167 8.23 -12.09 45.65
N ASP D 168 8.63 -12.96 44.73
CA ASP D 168 9.90 -12.78 44.05
C ASP D 168 9.91 -13.47 42.67
N TRP D 169 10.11 -12.68 41.60
CA TRP D 169 10.03 -13.21 40.24
C TRP D 169 11.24 -14.09 39.95
N GLU D 170 12.31 -13.86 40.70
CA GLU D 170 13.56 -14.57 40.47
C GLU D 170 13.49 -15.99 41.02
N LYS D 171 12.46 -16.27 41.82
CA LYS D 171 12.35 -17.57 42.46
C LYS D 171 11.80 -18.63 41.53
N GLY D 172 11.02 -18.21 40.53
CA GLY D 172 10.52 -19.15 39.52
C GLY D 172 11.57 -19.44 38.47
N ASP D 173 11.50 -20.59 37.81
CA ASP D 173 12.41 -20.90 36.71
C ASP D 173 12.02 -20.16 35.43
N THR D 174 12.90 -20.24 34.44
CA THR D 174 12.71 -19.52 33.19
C THR D 174 11.48 -19.95 32.39
N ILE D 175 11.21 -21.25 32.34
CA ILE D 175 10.08 -21.70 31.55
C ILE D 175 8.79 -21.14 32.13
N ASN D 176 8.66 -21.14 33.45
CA ASN D 176 7.46 -20.60 34.06
C ASN D 176 7.35 -19.09 33.89
N GLN D 177 8.49 -18.42 33.87
CA GLN D 177 8.52 -16.99 33.58
C GLN D 177 7.94 -16.74 32.18
N CYS D 178 8.42 -17.52 31.22
CA CYS D 178 7.99 -17.41 29.84
C CYS D 178 6.49 -17.71 29.70
N ILE D 179 6.04 -18.78 30.32
CA ILE D 179 4.63 -19.12 30.26
C ILE D 179 3.80 -17.99 30.85
N SER D 180 4.24 -17.44 31.98
CA SER D 180 3.51 -16.35 32.60
C SER D 180 3.41 -15.13 31.68
N ALA D 181 4.52 -14.73 31.05
CA ALA D 181 4.49 -13.58 30.17
C ALA D 181 3.61 -13.80 28.94
N ALA D 182 3.71 -14.99 28.37
CA ALA D 182 2.98 -15.36 27.16
C ALA D 182 1.49 -15.35 27.44
N THR D 183 1.13 -16.03 28.52
CA THR D 183 -0.22 -16.08 29.00
C THR D 183 -0.75 -14.68 29.28
N SER D 184 0.10 -13.84 29.83
CA SER D 184 -0.27 -12.46 30.07
C SER D 184 -0.69 -11.79 28.78
N CYS D 185 0.10 -11.96 27.71
CA CYS D 185 -0.26 -11.34 26.43
C CYS D 185 -1.61 -11.83 25.95
N LEU D 186 -1.78 -13.16 26.00
CA LEU D 186 -3.04 -13.75 25.59
C LEU D 186 -4.22 -13.20 26.38
N TYR D 187 -4.07 -13.10 27.71
CA TYR D 187 -5.14 -12.55 28.54
C TYR D 187 -5.41 -11.09 28.20
N GLY D 188 -4.37 -10.38 27.78
CA GLY D 188 -4.55 -8.99 27.38
C GLY D 188 -5.51 -8.90 26.20
N VAL D 189 -5.14 -9.55 25.09
CA VAL D 189 -6.01 -9.47 23.91
C VAL D 189 -7.39 -10.09 24.17
N THR D 190 -7.44 -11.12 25.02
CA THR D 190 -8.72 -11.76 25.33
C THR D 190 -9.65 -10.84 26.13
N GLU D 191 -9.13 -10.17 27.15
CA GLU D 191 -9.93 -9.25 27.93
C GLU D 191 -10.42 -8.13 27.01
N ALA D 192 -9.52 -7.65 26.14
CA ALA D 192 -9.91 -6.63 25.18
C ALA D 192 -11.09 -7.10 24.32
N ALA D 193 -11.01 -8.34 23.85
CA ALA D 193 -12.05 -8.89 23.00
C ALA D 193 -13.37 -9.01 23.75
N ILE D 194 -13.34 -9.62 24.93
CA ILE D 194 -14.53 -9.80 25.74
C ILE D 194 -15.23 -8.48 26.02
N LEU D 195 -14.46 -7.47 26.38
CA LEU D 195 -15.02 -6.13 26.60
C LEU D 195 -15.61 -5.52 25.33
N ALA D 196 -14.89 -5.63 24.21
CA ALA D 196 -15.35 -5.08 22.94
C ALA D 196 -16.64 -5.73 22.48
N ALA D 197 -16.78 -7.02 22.75
CA ALA D 197 -17.97 -7.76 22.36
C ALA D 197 -19.17 -7.43 23.25
N GLY D 198 -18.92 -6.69 24.33
CA GLY D 198 -19.96 -6.25 25.24
C GLY D 198 -20.26 -7.17 26.42
N TYR D 199 -19.31 -8.04 26.74
CA TYR D 199 -19.51 -8.99 27.83
C TYR D 199 -18.71 -8.63 29.08
N ALA D 200 -18.96 -9.34 30.16
CA ALA D 200 -18.27 -9.10 31.42
C ALA D 200 -17.16 -10.12 31.61
N PRO D 201 -15.91 -9.65 31.78
CA PRO D 201 -14.79 -10.56 32.04
C PRO D 201 -14.96 -11.37 33.32
N ALA D 202 -15.77 -10.88 34.25
CA ALA D 202 -15.86 -11.50 35.56
C ALA D 202 -16.84 -12.67 35.63
N ILE D 203 -17.72 -12.79 34.64
CA ILE D 203 -18.73 -13.85 34.65
C ILE D 203 -18.29 -15.03 33.78
N GLY D 204 -17.78 -16.07 34.43
CA GLY D 204 -17.22 -17.22 33.74
C GLY D 204 -18.04 -18.48 33.91
N PHE D 205 -17.54 -19.58 33.35
CA PHE D 205 -18.28 -20.84 33.34
C PHE D 205 -17.47 -21.99 33.89
N VAL D 206 -16.25 -22.17 33.38
CA VAL D 206 -15.35 -23.16 33.98
C VAL D 206 -14.75 -22.54 35.24
N HIS D 207 -14.09 -21.40 35.07
CA HIS D 207 -13.59 -20.63 36.20
C HIS D 207 -14.67 -19.67 36.68
N THR D 208 -14.91 -19.61 37.99
CA THR D 208 -15.92 -18.71 38.50
C THR D 208 -15.42 -17.96 39.72
N GLY D 209 -16.04 -16.81 40.00
CA GLY D 209 -15.76 -16.07 41.22
C GLY D 209 -14.63 -15.08 41.13
N LYS D 210 -13.83 -15.16 40.07
CA LYS D 210 -12.70 -14.27 39.90
C LYS D 210 -13.06 -13.11 38.98
N PRO D 211 -12.36 -11.97 39.12
CA PRO D 211 -12.59 -10.80 38.26
C PRO D 211 -12.29 -11.05 36.78
N LEU D 212 -11.53 -12.09 36.47
CA LEU D 212 -11.16 -12.37 35.07
C LEU D 212 -11.59 -13.75 34.62
N SER D 213 -12.56 -14.35 35.31
CA SER D 213 -12.98 -15.72 35.07
C SER D 213 -13.25 -16.06 33.61
N PHE D 214 -14.06 -15.24 32.95
CA PHE D 214 -14.42 -15.49 31.56
C PHE D 214 -13.19 -15.40 30.67
N VAL D 215 -12.27 -14.49 31.02
CA VAL D 215 -11.02 -14.37 30.30
C VAL D 215 -10.24 -15.69 30.38
N TYR D 216 -10.17 -16.25 31.58
CA TYR D 216 -9.50 -17.54 31.77
C TYR D 216 -10.16 -18.60 30.90
N ASP D 217 -11.49 -18.65 30.98
CA ASP D 217 -12.27 -19.61 30.19
C ASP D 217 -11.91 -19.55 28.71
N ILE D 218 -12.05 -18.37 28.12
CA ILE D 218 -11.86 -18.22 26.69
C ILE D 218 -10.42 -18.46 26.28
N ALA D 219 -9.48 -17.84 26.99
CA ALA D 219 -8.06 -17.97 26.65
C ALA D 219 -7.60 -19.42 26.72
N ASP D 220 -8.05 -20.14 27.74
CA ASP D 220 -7.61 -21.53 27.91
C ASP D 220 -7.95 -22.42 26.71
N ILE D 221 -8.98 -22.06 25.94
CA ILE D 221 -9.39 -22.84 24.78
C ILE D 221 -8.32 -22.84 23.68
N ILE D 222 -7.65 -21.71 23.49
CA ILE D 222 -6.69 -21.58 22.40
C ILE D 222 -5.26 -21.43 22.90
N LYS D 223 -5.09 -21.42 24.22
CA LYS D 223 -3.80 -21.15 24.85
C LYS D 223 -2.69 -22.11 24.41
N PHE D 224 -3.01 -23.39 24.22
CA PHE D 224 -1.98 -24.38 23.93
C PHE D 224 -1.78 -24.61 22.44
N ASP D 225 -2.63 -24.02 21.62
CA ASP D 225 -2.49 -24.10 20.17
C ASP D 225 -1.39 -23.14 19.73
N THR D 226 -1.38 -21.99 20.38
CA THR D 226 -0.61 -20.85 19.93
C THR D 226 0.60 -20.57 20.83
N VAL D 227 0.29 -19.93 21.95
CA VAL D 227 1.23 -19.23 22.82
C VAL D 227 2.19 -20.09 23.68
N VAL D 228 1.66 -21.10 24.37
CA VAL D 228 2.50 -21.89 25.28
C VAL D 228 3.62 -22.65 24.56
N PRO D 229 3.33 -23.27 23.41
CA PRO D 229 4.46 -23.90 22.71
C PRO D 229 5.60 -22.94 22.42
N LYS D 230 5.29 -21.70 22.06
CA LYS D 230 6.36 -20.76 21.79
C LYS D 230 7.06 -20.34 23.09
N ALA D 231 6.33 -20.34 24.19
CA ALA D 231 6.97 -20.11 25.48
C ALA D 231 8.04 -21.18 25.72
N PHE D 232 7.74 -22.43 25.37
CA PHE D 232 8.73 -23.49 25.54
C PHE D 232 9.91 -23.31 24.59
N GLU D 233 9.60 -22.92 23.35
CA GLU D 233 10.65 -22.78 22.35
C GLU D 233 11.64 -21.70 22.81
N ILE D 234 11.12 -20.60 23.33
CA ILE D 234 11.97 -19.51 23.81
C ILE D 234 12.73 -19.90 25.07
N ALA D 235 12.05 -20.60 25.97
CA ALA D 235 12.68 -21.05 27.21
C ALA D 235 13.90 -21.95 26.97
N ARG D 236 13.81 -22.84 25.97
CA ARG D 236 14.93 -23.74 25.70
C ARG D 236 16.25 -22.99 25.43
N ARG D 237 16.15 -21.82 24.81
CA ARG D 237 17.31 -20.99 24.48
C ARG D 237 17.94 -20.29 25.68
N ASN D 238 17.23 -20.28 26.82
CA ASN D 238 17.71 -19.61 28.04
C ASN D 238 18.17 -18.17 27.81
N PRO D 239 17.24 -17.28 27.41
CA PRO D 239 17.72 -15.93 27.12
C PRO D 239 17.89 -15.09 28.39
N GLY D 240 18.55 -13.94 28.28
CA GLY D 240 18.73 -13.06 29.42
C GLY D 240 17.41 -12.49 29.92
N GLU D 241 16.75 -11.72 29.06
CA GLU D 241 15.42 -11.20 29.35
C GLU D 241 14.40 -11.79 28.40
N PRO D 242 13.82 -12.92 28.80
CA PRO D 242 12.88 -13.73 28.02
C PRO D 242 11.61 -12.94 27.72
N ASP D 243 11.31 -11.95 28.54
CA ASP D 243 10.06 -11.22 28.41
C ASP D 243 9.85 -10.59 27.04
N ARG D 244 10.85 -9.86 26.55
CA ARG D 244 10.65 -9.12 25.31
C ARG D 244 10.61 -10.06 24.09
N GLU D 245 11.34 -11.16 24.18
CA GLU D 245 11.31 -12.15 23.12
C GLU D 245 9.97 -12.87 23.11
N VAL D 246 9.41 -13.10 24.30
CA VAL D 246 8.12 -13.73 24.40
C VAL D 246 7.05 -12.81 23.84
N ARG D 247 7.09 -11.53 24.22
CA ARG D 247 6.12 -10.56 23.68
C ARG D 247 6.18 -10.48 22.17
N LEU D 248 7.40 -10.40 21.64
CA LEU D 248 7.56 -10.35 20.18
C LEU D 248 6.94 -11.59 19.53
N ALA D 249 7.22 -12.74 20.13
CA ALA D 249 6.72 -14.01 19.60
C ALA D 249 5.19 -14.06 19.61
N CYS D 250 4.60 -13.62 20.70
CA CYS D 250 3.16 -13.61 20.83
C CYS D 250 2.52 -12.68 19.82
N ARG D 251 3.14 -11.52 19.59
CA ARG D 251 2.66 -10.63 18.55
C ARG D 251 2.61 -11.36 17.21
N ASP D 252 3.73 -12.00 16.86
CA ASP D 252 3.79 -12.69 15.57
C ASP D 252 2.74 -13.79 15.44
N ILE D 253 2.56 -14.55 16.52
CA ILE D 253 1.55 -15.61 16.55
C ILE D 253 0.14 -15.04 16.37
N PHE D 254 -0.19 -13.99 17.11
CA PHE D 254 -1.51 -13.38 17.00
C PHE D 254 -1.76 -12.89 15.58
N ARG D 255 -0.73 -12.37 14.92
CA ARG D 255 -0.90 -11.89 13.56
C ARG D 255 -1.13 -13.06 12.59
N SER D 256 -0.24 -14.05 12.64
CA SER D 256 -0.28 -15.18 11.72
C SER D 256 -1.51 -16.08 11.95
N SER D 257 -2.02 -16.12 13.18
CA SER D 257 -3.15 -16.97 13.51
C SER D 257 -4.47 -16.19 13.41
N LYS D 258 -4.37 -14.89 13.15
CA LYS D 258 -5.52 -13.99 13.05
C LYS D 258 -6.32 -14.09 14.36
N THR D 259 -5.62 -14.09 15.49
CA THR D 259 -6.28 -14.32 16.77
C THR D 259 -7.37 -13.28 17.08
N LEU D 260 -7.06 -12.01 16.86
CA LEU D 260 -8.02 -10.95 17.12
C LEU D 260 -9.29 -11.14 16.30
N ALA D 261 -9.13 -11.54 15.05
CA ALA D 261 -10.29 -11.77 14.19
C ALA D 261 -11.10 -12.99 14.65
N LYS D 262 -10.43 -13.94 15.31
CA LYS D 262 -11.12 -15.17 15.74
C LYS D 262 -11.77 -15.11 17.11
N LEU D 263 -11.32 -14.19 17.97
CA LEU D 263 -11.76 -14.22 19.36
C LEU D 263 -13.24 -13.93 19.61
N ILE D 264 -13.81 -12.92 18.96
CA ILE D 264 -15.21 -12.61 19.20
C ILE D 264 -16.13 -13.72 18.67
N PRO D 265 -15.89 -14.21 17.43
CA PRO D 265 -16.70 -15.36 17.01
C PRO D 265 -16.53 -16.56 17.92
N LEU D 266 -15.36 -16.73 18.51
CA LEU D 266 -15.15 -17.84 19.46
C LEU D 266 -16.04 -17.68 20.68
N ILE D 267 -16.09 -16.46 21.21
CA ILE D 267 -16.91 -16.15 22.36
C ILE D 267 -18.38 -16.40 22.07
N GLU D 268 -18.83 -15.89 20.92
CA GLU D 268 -20.22 -16.05 20.55
C GLU D 268 -20.58 -17.53 20.35
N ASP D 269 -19.64 -18.28 19.78
CA ASP D 269 -19.85 -19.70 19.50
C ASP D 269 -19.97 -20.47 20.82
N VAL D 270 -19.06 -20.17 21.74
CA VAL D 270 -19.08 -20.76 23.07
C VAL D 270 -20.41 -20.51 23.78
N LEU D 271 -20.85 -19.25 23.81
CA LEU D 271 -22.10 -18.92 24.49
C LEU D 271 -23.32 -19.51 23.80
N ALA D 272 -23.23 -19.68 22.48
CA ALA D 272 -24.35 -20.17 21.69
C ALA D 272 -24.75 -21.59 22.04
N ALA D 273 -23.82 -22.34 22.63
CA ALA D 273 -24.07 -23.74 22.98
C ALA D 273 -25.12 -23.92 24.08
N GLY D 274 -25.40 -22.85 24.82
CA GLY D 274 -26.46 -22.89 25.81
C GLY D 274 -27.81 -23.07 25.16
N GLU D 275 -27.85 -22.90 23.84
CA GLU D 275 -29.05 -23.08 23.04
C GLU D 275 -30.15 -22.13 23.49
N ILE D 276 -29.74 -20.93 23.86
CA ILE D 276 -30.66 -19.85 24.14
C ILE D 276 -30.43 -18.90 22.97
N GLN D 277 -31.50 -18.28 22.47
CA GLN D 277 -31.35 -17.46 21.28
C GLN D 277 -30.49 -16.23 21.58
N PRO D 278 -29.42 -16.04 20.78
CA PRO D 278 -28.45 -14.95 20.89
C PRO D 278 -29.10 -13.58 20.68
N PRO D 279 -28.42 -12.50 21.11
CA PRO D 279 -28.94 -11.14 20.97
C PRO D 279 -29.08 -10.65 19.52
N ALA D 280 -27.97 -10.32 18.84
CA ALA D 280 -28.05 -9.82 17.46
C ALA D 280 -26.71 -9.86 16.75
N MET G 1 -8.10 -4.93 4.15
CA MET G 1 -7.13 -3.98 4.69
C MET G 1 -5.96 -3.67 3.74
N SER G 2 -5.84 -2.40 3.37
CA SER G 2 -4.76 -1.97 2.48
C SER G 2 -4.07 -0.69 2.99
N MET G 3 -2.86 -0.47 2.49
CA MET G 3 -2.07 0.68 2.85
C MET G 3 -2.75 2.00 2.49
N LEU G 4 -2.57 2.96 3.39
CA LEU G 4 -3.17 4.28 3.32
C LEU G 4 -2.12 5.35 3.60
N VAL G 5 -2.12 6.39 2.79
CA VAL G 5 -1.27 7.55 3.00
C VAL G 5 -2.08 8.83 2.96
N VAL G 6 -1.92 9.65 4.00
CA VAL G 6 -2.57 10.95 4.03
C VAL G 6 -1.52 12.05 4.09
N VAL G 7 -1.59 12.99 3.15
CA VAL G 7 -0.72 14.15 3.16
C VAL G 7 -1.53 15.42 3.41
N THR G 8 -1.23 16.10 4.50
CA THR G 8 -1.94 17.30 4.88
C THR G 8 -1.12 18.55 4.62
N GLU G 9 -1.79 19.66 4.37
CA GLU G 9 -1.10 20.93 4.18
C GLU G 9 -1.91 22.10 4.77
N ASN G 10 -1.28 22.82 5.70
CA ASN G 10 -1.85 23.98 6.36
C ASN G 10 -3.17 23.63 7.03
N VAL G 11 -3.11 22.57 7.83
CA VAL G 11 -4.29 22.06 8.52
C VAL G 11 -4.15 22.37 10.01
N PRO G 12 -5.28 22.56 10.71
CA PRO G 12 -5.22 22.88 12.15
C PRO G 12 -4.72 21.70 13.00
N PRO G 13 -4.02 22.00 14.10
CA PRO G 13 -3.45 21.03 15.04
C PRO G 13 -4.38 19.87 15.40
N ARG G 14 -5.67 20.15 15.50
CA ARG G 14 -6.61 19.13 15.94
C ARG G 14 -6.76 18.02 14.89
N LEU G 15 -6.63 18.35 13.61
CA LEU G 15 -6.68 17.32 12.59
C LEU G 15 -5.36 16.55 12.59
N ARG G 16 -4.27 17.27 12.81
CA ARG G 16 -2.94 16.66 12.88
C ARG G 16 -2.90 15.56 13.95
N GLY G 17 -3.51 15.81 15.11
CA GLY G 17 -3.53 14.78 16.14
C GLY G 17 -4.55 13.70 15.84
N ARG G 18 -5.70 14.13 15.33
CA ARG G 18 -6.77 13.21 15.06
C ARG G 18 -6.27 12.10 14.16
N LEU G 19 -5.56 12.46 13.09
CA LEU G 19 -4.97 11.45 12.21
C LEU G 19 -3.96 10.57 12.95
N ALA G 20 -3.28 11.12 13.95
CA ALA G 20 -2.28 10.38 14.70
C ALA G 20 -2.95 9.34 15.59
N ILE G 21 -4.28 9.41 15.71
CA ILE G 21 -4.99 8.35 16.43
C ILE G 21 -4.90 6.99 15.72
N TRP G 22 -4.93 6.98 14.39
CA TRP G 22 -4.96 5.72 13.63
C TRP G 22 -3.74 5.49 12.74
N LEU G 23 -3.07 6.58 12.36
CA LEU G 23 -1.99 6.49 11.39
C LEU G 23 -0.69 6.99 11.99
N LEU G 24 0.42 6.55 11.41
CA LEU G 24 1.74 6.97 11.87
C LEU G 24 2.24 8.16 11.08
N GLU G 25 2.61 9.24 11.77
CA GLU G 25 3.15 10.40 11.08
C GLU G 25 4.64 10.23 10.84
N VAL G 26 5.02 10.01 9.58
CA VAL G 26 6.42 9.80 9.22
C VAL G 26 7.07 11.09 8.75
N ARG G 27 6.27 12.03 8.22
CA ARG G 27 6.80 13.39 8.02
C ARG G 27 5.76 14.39 8.43
N ALA G 28 6.14 15.66 8.51
CA ALA G 28 5.17 16.72 8.77
C ALA G 28 4.04 16.65 7.77
N GLY G 29 2.86 16.30 8.27
CA GLY G 29 1.68 16.20 7.44
C GLY G 29 1.66 14.99 6.55
N VAL G 30 2.55 14.04 6.82
CA VAL G 30 2.60 12.78 6.08
C VAL G 30 2.40 11.60 7.03
N TYR G 31 1.23 10.98 6.90
CA TYR G 31 0.72 9.90 7.75
C TYR G 31 0.56 8.61 6.97
N VAL G 32 0.97 7.49 7.58
CA VAL G 32 0.90 6.18 6.93
C VAL G 32 0.17 5.18 7.82
N GLY G 33 -0.61 4.29 7.21
CA GLY G 33 -1.33 3.27 7.96
C GLY G 33 -1.79 2.13 7.08
N ASP G 34 -2.42 1.14 7.70
CA ASP G 34 -3.01 0.04 6.97
C ASP G 34 -4.43 -0.13 7.48
N VAL G 35 -5.42 0.20 6.66
CA VAL G 35 -6.81 0.19 7.13
C VAL G 35 -7.77 -0.43 6.13
N SER G 36 -8.96 -0.76 6.61
CA SER G 36 -10.01 -1.30 5.77
C SER G 36 -10.70 -0.17 5.04
N ALA G 37 -11.56 -0.51 4.08
CA ALA G 37 -12.26 0.51 3.30
C ALA G 37 -13.12 1.42 4.20
N LYS G 38 -13.82 0.82 5.15
CA LYS G 38 -14.77 1.59 5.94
C LYS G 38 -14.06 2.47 6.96
N ILE G 39 -12.89 2.02 7.42
CA ILE G 39 -12.09 2.86 8.30
C ILE G 39 -11.48 3.99 7.47
N ARG G 40 -11.11 3.70 6.23
CA ARG G 40 -10.61 4.73 5.33
C ARG G 40 -11.67 5.80 5.13
N GLU G 41 -12.91 5.39 4.91
CA GLU G 41 -14.01 6.33 4.73
C GLU G 41 -14.23 7.13 6.02
N MET G 42 -14.02 6.48 7.16
CA MET G 42 -14.13 7.16 8.46
C MET G 42 -13.10 8.28 8.57
N ILE G 43 -11.87 7.94 8.23
CA ILE G 43 -10.77 8.89 8.26
C ILE G 43 -11.05 10.03 7.30
N TRP G 44 -11.65 9.73 6.16
CA TRP G 44 -11.97 10.78 5.21
C TRP G 44 -13.04 11.74 5.74
N GLU G 45 -14.03 11.26 6.48
CA GLU G 45 -14.98 12.23 7.00
C GLU G 45 -14.37 13.02 8.15
N GLN G 46 -13.39 12.45 8.83
CA GLN G 46 -12.62 13.25 9.79
C GLN G 46 -11.91 14.39 9.07
N ILE G 47 -11.21 14.05 8.00
CA ILE G 47 -10.50 15.03 7.18
C ILE G 47 -11.44 16.13 6.69
N ALA G 48 -12.53 15.75 6.05
CA ALA G 48 -13.44 16.74 5.49
C ALA G 48 -14.04 17.60 6.60
N GLY G 49 -14.17 17.04 7.80
CA GLY G 49 -14.78 17.78 8.87
C GLY G 49 -13.84 18.67 9.66
N LEU G 50 -12.54 18.47 9.51
CA LEU G 50 -11.58 19.22 10.34
C LEU G 50 -10.51 20.00 9.59
N ALA G 51 -10.37 19.73 8.29
CA ALA G 51 -9.29 20.34 7.51
C ALA G 51 -9.45 21.84 7.39
N GLU G 52 -10.69 22.33 7.46
CA GLU G 52 -11.00 23.75 7.36
C GLU G 52 -10.41 24.38 6.11
N GLU G 53 -9.48 25.31 6.30
CA GLU G 53 -8.90 26.09 5.21
C GLU G 53 -7.84 25.30 4.45
N GLY G 54 -7.21 24.34 5.12
CA GLY G 54 -6.12 23.59 4.54
C GLY G 54 -6.53 22.67 3.40
N ASN G 55 -5.58 21.90 2.90
CA ASN G 55 -5.91 20.91 1.87
C ASN G 55 -5.21 19.58 2.14
N VAL G 56 -5.83 18.49 1.67
CA VAL G 56 -5.38 17.15 2.01
C VAL G 56 -5.46 16.23 0.80
N VAL G 57 -4.48 15.35 0.63
CA VAL G 57 -4.64 14.25 -0.33
C VAL G 57 -4.55 12.90 0.37
N MET G 58 -5.46 12.00 0.04
CA MET G 58 -5.47 10.67 0.62
C MET G 58 -5.36 9.61 -0.48
N ALA G 59 -4.33 8.78 -0.40
CA ALA G 59 -4.07 7.74 -1.40
C ALA G 59 -4.04 6.35 -0.78
N TRP G 60 -4.65 5.37 -1.44
CA TRP G 60 -4.65 4.03 -0.87
C TRP G 60 -4.46 2.94 -1.92
N ALA G 61 -4.02 1.77 -1.44
CA ALA G 61 -3.75 0.62 -2.31
C ALA G 61 -5.03 -0.05 -2.83
N THR G 62 -5.04 -0.35 -4.11
CA THR G 62 -6.19 -0.96 -4.75
C THR G 62 -5.81 -2.09 -5.64
N ASN G 63 -6.81 -2.66 -6.28
CA ASN G 63 -6.64 -3.76 -7.19
C ASN G 63 -6.83 -3.33 -8.59
N THR G 64 -6.84 -2.04 -8.75
CA THR G 64 -6.92 -1.39 -10.05
C THR G 64 -5.56 -1.50 -10.75
N GLU G 65 -5.48 -1.02 -11.99
CA GLU G 65 -4.27 -1.19 -12.79
C GLU G 65 -3.02 -0.54 -12.22
N THR G 66 -3.12 0.70 -11.74
CA THR G 66 -1.96 1.40 -11.20
C THR G 66 -1.66 0.93 -9.78
N GLY G 67 -2.62 0.24 -9.18
CA GLY G 67 -2.44 -0.33 -7.85
C GLY G 67 -2.83 0.60 -6.72
N PHE G 68 -3.28 1.80 -7.06
CA PHE G 68 -3.73 2.73 -6.04
C PHE G 68 -4.74 3.74 -6.58
N GLU G 69 -5.52 4.31 -5.68
CA GLU G 69 -6.41 5.43 -5.98
C GLU G 69 -6.18 6.56 -5.00
N PHE G 70 -6.70 7.74 -5.30
CA PHE G 70 -6.55 8.84 -4.36
C PHE G 70 -7.62 9.90 -4.56
N GLN G 71 -7.99 10.57 -3.47
CA GLN G 71 -8.94 11.67 -3.53
C GLN G 71 -8.42 12.85 -2.72
N THR G 72 -8.96 14.03 -3.01
CA THR G 72 -8.44 15.27 -2.42
C THR G 72 -9.52 16.12 -1.74
N PHE G 73 -9.07 16.94 -0.79
CA PHE G 73 -9.92 17.92 -0.13
C PHE G 73 -9.27 19.29 -0.24
N GLY G 74 -10.07 20.29 -0.59
CA GLY G 74 -9.58 21.61 -0.87
C GLY G 74 -8.96 21.60 -2.25
N LEU G 75 -8.34 22.70 -2.65
CA LEU G 75 -7.71 22.76 -3.97
C LEU G 75 -6.18 22.73 -3.86
N ASN G 76 -5.55 22.33 -4.95
CA ASN G 76 -4.10 22.23 -5.00
C ASN G 76 -3.66 22.13 -6.45
N ARG G 77 -2.51 22.73 -6.74
CA ARG G 77 -1.96 22.75 -8.09
C ARG G 77 -1.86 21.35 -8.73
N ARG G 78 -1.52 20.34 -7.92
CA ARG G 78 -1.46 18.98 -8.44
C ARG G 78 -2.79 18.25 -8.31
N MET H 1 4.54 -7.21 -5.83
CA MET H 1 4.21 -5.80 -6.08
C MET H 1 3.34 -5.19 -4.97
N SER H 2 3.88 -4.17 -4.31
CA SER H 2 3.17 -3.48 -3.23
C SER H 2 3.28 -1.97 -3.35
N MET H 3 2.34 -1.27 -2.71
CA MET H 3 2.30 0.18 -2.71
C MET H 3 3.56 0.79 -2.10
N LEU H 4 3.98 1.89 -2.70
CA LEU H 4 5.19 2.62 -2.34
C LEU H 4 4.90 4.10 -2.26
N VAL H 5 5.40 4.73 -1.20
CA VAL H 5 5.34 6.18 -1.04
C VAL H 5 6.70 6.75 -0.73
N VAL H 6 7.10 7.76 -1.49
CA VAL H 6 8.35 8.46 -1.24
C VAL H 6 8.09 9.92 -0.92
N VAL H 7 8.59 10.36 0.23
CA VAL H 7 8.49 11.75 0.60
C VAL H 7 9.88 12.38 0.64
N THR H 8 10.09 13.38 -0.22
CA THR H 8 11.37 14.06 -0.31
C THR H 8 11.29 15.46 0.32
N GLU H 9 12.42 15.94 0.84
CA GLU H 9 12.53 17.29 1.39
C GLU H 9 13.87 17.88 0.99
N ASN H 10 13.81 19.01 0.29
CA ASN H 10 14.99 19.78 -0.11
C ASN H 10 15.99 18.97 -0.94
N VAL H 11 15.50 18.31 -1.98
CA VAL H 11 16.34 17.53 -2.87
C VAL H 11 16.47 18.28 -4.20
N PRO H 12 17.57 18.05 -4.94
CA PRO H 12 17.73 18.75 -6.21
C PRO H 12 16.72 18.28 -7.25
N PRO H 13 16.31 19.19 -8.17
CA PRO H 13 15.35 18.93 -9.25
C PRO H 13 15.56 17.60 -9.98
N ARG H 14 16.80 17.17 -10.12
CA ARG H 14 17.06 15.97 -10.89
C ARG H 14 16.51 14.73 -10.17
N LEU H 15 16.48 14.76 -8.83
CA LEU H 15 15.88 13.65 -8.10
C LEU H 15 14.36 13.73 -8.21
N ARG H 16 13.84 14.96 -8.16
CA ARG H 16 12.41 15.20 -8.30
C ARG H 16 11.88 14.61 -9.61
N GLY H 17 12.63 14.77 -10.70
CA GLY H 17 12.20 14.20 -11.96
C GLY H 17 12.45 12.70 -12.04
N ARG H 18 13.60 12.30 -11.49
CA ARG H 18 13.99 10.90 -11.56
C ARG H 18 12.91 10.05 -10.93
N LEU H 19 12.43 10.43 -9.75
CA LEU H 19 11.33 9.70 -9.13
C LEU H 19 10.08 9.71 -10.01
N ALA H 20 9.89 10.78 -10.77
CA ALA H 20 8.71 10.92 -11.61
C ALA H 20 8.78 9.97 -12.78
N ILE H 21 9.94 9.35 -12.98
CA ILE H 21 10.02 8.31 -14.00
C ILE H 21 9.14 7.08 -13.67
N TRP H 22 9.04 6.71 -12.39
CA TRP H 22 8.30 5.50 -12.01
C TRP H 22 7.09 5.75 -11.12
N LEU H 23 7.09 6.88 -10.41
CA LEU H 23 6.06 7.14 -9.41
C LEU H 23 5.28 8.39 -9.76
N LEU H 24 4.07 8.49 -9.23
CA LEU H 24 3.21 9.64 -9.47
C LEU H 24 3.38 10.67 -8.36
N GLU H 25 3.69 11.91 -8.73
CA GLU H 25 3.82 12.95 -7.72
C GLU H 25 2.46 13.55 -7.41
N VAL H 26 1.94 13.25 -6.22
CA VAL H 26 0.62 13.74 -5.81
C VAL H 26 0.74 15.00 -4.98
N ARG H 27 1.87 15.19 -4.29
CA ARG H 27 2.16 16.51 -3.69
C ARG H 27 3.60 16.86 -3.93
N ALA H 28 3.97 18.10 -3.66
CA ALA H 28 5.37 18.49 -3.72
C ALA H 28 6.21 17.57 -2.83
N GLY H 29 7.03 16.76 -3.48
CA GLY H 29 7.91 15.84 -2.79
C GLY H 29 7.19 14.62 -2.24
N VAL H 30 5.96 14.41 -2.68
CA VAL H 30 5.19 13.22 -2.31
C VAL H 30 4.78 12.43 -3.55
N TYR H 31 5.41 11.25 -3.68
CA TYR H 31 5.30 10.35 -4.83
C TYR H 31 4.67 9.01 -4.45
N VAL H 32 3.78 8.50 -5.31
CA VAL H 32 3.09 7.23 -5.06
C VAL H 32 3.25 6.28 -6.23
N GLY H 33 3.40 4.99 -5.94
CA GLY H 33 3.51 4.00 -6.99
C GLY H 33 3.22 2.61 -6.47
N ASP H 34 3.26 1.63 -7.35
CA ASP H 34 3.09 0.24 -6.95
C ASP H 34 4.23 -0.55 -7.57
N VAL H 35 5.18 -1.01 -6.75
CA VAL H 35 6.36 -1.64 -7.33
C VAL H 35 6.76 -2.92 -6.62
N SER H 36 7.63 -3.69 -7.26
CA SER H 36 8.17 -4.92 -6.69
C SER H 36 9.29 -4.59 -5.74
N ALA H 37 9.75 -5.58 -5.00
CA ALA H 37 10.84 -5.37 -4.06
C ALA H 37 12.11 -4.87 -4.74
N LYS H 38 12.46 -5.48 -5.89
CA LYS H 38 13.73 -5.17 -6.53
C LYS H 38 13.69 -3.79 -7.18
N ILE H 39 12.53 -3.38 -7.63
CA ILE H 39 12.37 -2.04 -8.18
C ILE H 39 12.38 -1.02 -7.05
N ARG H 40 11.80 -1.37 -5.91
CA ARG H 40 11.85 -0.51 -4.73
C ARG H 40 13.30 -0.26 -4.34
N GLU H 41 14.10 -1.32 -4.34
CA GLU H 41 15.50 -1.20 -3.99
C GLU H 41 16.23 -0.35 -5.03
N MET H 42 15.84 -0.46 -6.30
CA MET H 42 16.51 0.32 -7.33
C MET H 42 16.22 1.81 -7.10
N ILE H 43 14.96 2.10 -6.80
CA ILE H 43 14.53 3.46 -6.51
C ILE H 43 15.28 4.00 -5.30
N TRP H 44 15.53 3.13 -4.33
CA TRP H 44 16.28 3.56 -3.16
C TRP H 44 17.73 3.91 -3.49
N GLU H 45 18.35 3.18 -4.41
CA GLU H 45 19.73 3.57 -4.73
C GLU H 45 19.73 4.83 -5.57
N GLN H 46 18.65 5.08 -6.29
CA GLN H 46 18.49 6.38 -6.96
C GLN H 46 18.45 7.51 -5.94
N ILE H 47 17.62 7.32 -4.92
CA ILE H 47 17.51 8.29 -3.83
C ILE H 47 18.85 8.53 -3.15
N ALA H 48 19.52 7.47 -2.72
CA ALA H 48 20.78 7.61 -2.00
C ALA H 48 21.84 8.26 -2.89
N GLY H 49 21.71 8.06 -4.20
CA GLY H 49 22.71 8.60 -5.10
C GLY H 49 22.43 10.03 -5.53
N LEU H 50 21.22 10.52 -5.32
CA LEU H 50 20.89 11.86 -5.84
C LEU H 50 20.35 12.86 -4.81
N ALA H 51 19.98 12.38 -3.64
CA ALA H 51 19.34 13.24 -2.65
C ALA H 51 20.26 14.35 -2.15
N GLU H 52 21.57 14.08 -2.18
CA GLU H 52 22.58 15.02 -1.74
C GLU H 52 22.31 15.54 -0.32
N GLU H 53 22.04 16.83 -0.21
CA GLU H 53 21.88 17.49 1.08
C GLU H 53 20.50 17.23 1.71
N GLY H 54 19.51 16.95 0.87
CA GLY H 54 18.14 16.79 1.33
C GLY H 54 17.93 15.53 2.15
N ASN H 55 16.69 15.27 2.54
CA ASN H 55 16.37 14.03 3.24
C ASN H 55 15.08 13.42 2.69
N VAL H 56 14.96 12.10 2.79
CA VAL H 56 13.89 11.36 2.14
C VAL H 56 13.38 10.25 3.07
N VAL H 57 12.07 10.03 3.09
CA VAL H 57 11.54 8.82 3.72
C VAL H 57 10.79 7.98 2.68
N MET H 58 11.04 6.67 2.71
CA MET H 58 10.38 5.76 1.78
C MET H 58 9.63 4.71 2.57
N ALA H 59 8.31 4.63 2.37
CA ALA H 59 7.48 3.67 3.09
C ALA H 59 6.75 2.76 2.10
N TRP H 60 6.68 1.47 2.42
CA TRP H 60 6.03 0.54 1.51
C TRP H 60 5.19 -0.51 2.24
N ALA H 61 4.25 -1.10 1.49
CA ALA H 61 3.34 -2.10 2.04
C ALA H 61 4.01 -3.46 2.27
N THR H 62 3.73 -4.06 3.43
CA THR H 62 4.30 -5.36 3.79
C THR H 62 3.24 -6.27 4.43
N ASN H 63 3.60 -7.53 4.62
CA ASN H 63 2.73 -8.48 5.32
C ASN H 63 3.10 -8.60 6.79
N THR H 64 3.89 -7.64 7.27
CA THR H 64 4.19 -7.53 8.70
C THR H 64 2.94 -7.05 9.45
N GLU H 65 3.04 -6.98 10.77
CA GLU H 65 1.89 -6.66 11.61
C GLU H 65 1.25 -5.31 11.31
N THR H 66 2.09 -4.29 11.15
CA THR H 66 1.61 -2.94 10.91
C THR H 66 1.20 -2.73 9.45
N GLY H 67 1.62 -3.64 8.57
CA GLY H 67 1.24 -3.57 7.17
C GLY H 67 2.17 -2.72 6.31
N PHE H 68 3.19 -2.13 6.94
CA PHE H 68 4.16 -1.36 6.19
C PHE H 68 5.50 -1.25 6.90
N GLU H 69 6.54 -1.00 6.11
CA GLU H 69 7.86 -0.68 6.64
C GLU H 69 8.35 0.61 6.02
N PHE H 70 9.40 1.20 6.59
CA PHE H 70 9.94 2.41 5.99
C PHE H 70 11.39 2.62 6.36
N GLN H 71 12.14 3.26 5.47
CA GLN H 71 13.52 3.60 5.75
C GLN H 71 13.80 5.04 5.32
N THR H 72 14.86 5.62 5.87
CA THR H 72 15.14 7.04 5.66
C THR H 72 16.54 7.31 5.16
N PHE H 73 16.68 8.44 4.47
CA PHE H 73 17.98 8.95 4.03
C PHE H 73 18.14 10.38 4.51
N GLY H 74 19.33 10.70 5.05
CA GLY H 74 19.56 12.01 5.63
C GLY H 74 18.94 12.08 7.01
N LEU H 75 18.93 13.26 7.60
CA LEU H 75 18.38 13.41 8.94
C LEU H 75 17.01 14.08 8.94
N ASN H 76 16.25 13.80 9.98
CA ASN H 76 14.92 14.38 10.17
C ASN H 76 14.45 14.11 11.60
N ARG H 77 13.75 15.07 12.20
CA ARG H 77 13.23 14.91 13.56
C ARG H 77 12.35 13.66 13.74
N ARG H 78 11.54 13.34 12.74
CA ARG H 78 10.67 12.17 12.81
C ARG H 78 11.35 10.92 12.28
#